data_114D
# 
_entry.id   114D 
# 
_audit_conform.dict_name       mmcif_pdbx.dic 
_audit_conform.dict_version    5.385 
_audit_conform.dict_location   http://mmcif.pdb.org/dictionaries/ascii/mmcif_pdbx.dic 
# 
loop_
_database_2.database_id 
_database_2.database_code 
_database_2.pdbx_database_accession 
_database_2.pdbx_DOI 
PDB   114D         pdb_0000114d 10.2210/pdb114d/pdb 
RCSB  BDLB10       ?            ?                   
WWPDB D_1000170038 ?            ?                   
# 
loop_
_pdbx_audit_revision_history.ordinal 
_pdbx_audit_revision_history.data_content_type 
_pdbx_audit_revision_history.major_revision 
_pdbx_audit_revision_history.minor_revision 
_pdbx_audit_revision_history.revision_date 
1 'Structure model' 1 0 1993-07-15 
2 'Structure model' 1 1 2008-05-22 
3 'Structure model' 1 2 2011-07-13 
4 'Structure model' 1 3 2024-02-07 
# 
_pdbx_audit_revision_details.ordinal             1 
_pdbx_audit_revision_details.revision_ordinal    1 
_pdbx_audit_revision_details.data_content_type   'Structure model' 
_pdbx_audit_revision_details.provider            repository 
_pdbx_audit_revision_details.type                'Initial release' 
_pdbx_audit_revision_details.description         ? 
_pdbx_audit_revision_details.details             ? 
# 
loop_
_pdbx_audit_revision_group.ordinal 
_pdbx_audit_revision_group.revision_ordinal 
_pdbx_audit_revision_group.data_content_type 
_pdbx_audit_revision_group.group 
1 2 'Structure model' 'Version format compliance' 
2 3 'Structure model' 'Version format compliance' 
3 4 'Structure model' 'Data collection'           
4 4 'Structure model' 'Database references'       
# 
loop_
_pdbx_audit_revision_category.ordinal 
_pdbx_audit_revision_category.revision_ordinal 
_pdbx_audit_revision_category.data_content_type 
_pdbx_audit_revision_category.category 
1 4 'Structure model' chem_comp_atom 
2 4 'Structure model' chem_comp_bond 
3 4 'Structure model' database_2     
# 
loop_
_pdbx_audit_revision_item.ordinal 
_pdbx_audit_revision_item.revision_ordinal 
_pdbx_audit_revision_item.data_content_type 
_pdbx_audit_revision_item.item 
1 4 'Structure model' '_database_2.pdbx_DOI'                
2 4 'Structure model' '_database_2.pdbx_database_accession' 
# 
_pdbx_database_status.status_code                     REL 
_pdbx_database_status.entry_id                        114D 
_pdbx_database_status.recvd_initial_deposition_date   1993-01-04 
_pdbx_database_status.deposit_site                    BNL 
_pdbx_database_status.process_site                    NDB 
_pdbx_database_status.SG_entry                        . 
_pdbx_database_status.pdb_format_compatible           Y 
_pdbx_database_status.status_code_mr                  ? 
_pdbx_database_status.status_code_sf                  ? 
_pdbx_database_status.status_code_cs                  ? 
_pdbx_database_status.status_code_nmr_data            ? 
_pdbx_database_status.methods_development_category    ? 
# 
loop_
_audit_author.name 
_audit_author.pdbx_ordinal 
'Corfield, P.W.R.' 1 
'Hunter, W.N.'     2 
'Brown, T.'        3 
'Robinson, P.'     4 
'Kennard, O.'      5 
# 
_citation.id                        primary 
_citation.title                     'Inosine.adenine base pairs in a B-DNA duplex.' 
_citation.journal_abbrev            'Nucleic Acids Res.' 
_citation.journal_volume            15 
_citation.page_first                7935 
_citation.page_last                 7949 
_citation.year                      1987 
_citation.journal_id_ASTM           NARHAD 
_citation.country                   UK 
_citation.journal_id_ISSN           0305-1048 
_citation.journal_id_CSD            0389 
_citation.book_publisher            ? 
_citation.pdbx_database_id_PubMed   3671069 
_citation.pdbx_database_id_DOI      10.1093/nar/15.19.7935 
# 
loop_
_citation_author.citation_id 
_citation_author.name 
_citation_author.ordinal 
_citation_author.identifier_ORCID 
primary 'Corfield, P.W.' 1 ? 
primary 'Hunter, W.N.'   2 ? 
primary 'Brown, T.'      3 ? 
primary 'Robinson, P.'   4 ? 
primary 'Kennard, O.'    5 ? 
# 
loop_
_entity.id 
_entity.type 
_entity.src_method 
_entity.pdbx_description 
_entity.formula_weight 
_entity.pdbx_number_of_molecules 
_entity.pdbx_ec 
_entity.pdbx_mutation 
_entity.pdbx_fragment 
_entity.details 
1 polymer syn 
;DNA (5'-D(*CP*GP*CP*IP*AP*AP*TP*TP*AP*GP*CP*G)-3')
;
3672.403 2  ? ? ? ? 
2 water   nat water                                                18.015   64 ? ? ? ? 
# 
_entity_poly.entity_id                      1 
_entity_poly.type                           polydeoxyribonucleotide 
_entity_poly.nstd_linkage                   no 
_entity_poly.nstd_monomer                   no 
_entity_poly.pdbx_seq_one_letter_code       '(DC)(DG)(DC)(DI)(DA)(DA)(DT)(DT)(DA)(DG)(DC)(DG)' 
_entity_poly.pdbx_seq_one_letter_code_can   CGCIAATTAGCG 
_entity_poly.pdbx_strand_id                 A,B 
_entity_poly.pdbx_target_identifier         ? 
# 
_pdbx_entity_nonpoly.entity_id   2 
_pdbx_entity_nonpoly.name        water 
_pdbx_entity_nonpoly.comp_id     HOH 
# 
loop_
_entity_poly_seq.entity_id 
_entity_poly_seq.num 
_entity_poly_seq.mon_id 
_entity_poly_seq.hetero 
1 1  DC n 
1 2  DG n 
1 3  DC n 
1 4  DI n 
1 5  DA n 
1 6  DA n 
1 7  DT n 
1 8  DT n 
1 9  DA n 
1 10 DG n 
1 11 DC n 
1 12 DG n 
# 
loop_
_chem_comp.id 
_chem_comp.type 
_chem_comp.mon_nstd_flag 
_chem_comp.name 
_chem_comp.pdbx_synonyms 
_chem_comp.formula 
_chem_comp.formula_weight 
DA  'DNA linking' y "2'-DEOXYADENOSINE-5'-MONOPHOSPHATE" ? 'C10 H14 N5 O6 P' 331.222 
DC  'DNA linking' y "2'-DEOXYCYTIDINE-5'-MONOPHOSPHATE"  ? 'C9 H14 N3 O7 P'  307.197 
DG  'DNA linking' y "2'-DEOXYGUANOSINE-5'-MONOPHOSPHATE" ? 'C10 H14 N5 O7 P' 347.221 
DI  'DNA linking' y "2'-DEOXYINOSINE-5'-MONOPHOSPHATE"   ? 'C10 H13 N4 O7 P' 332.207 
DT  'DNA linking' y "THYMIDINE-5'-MONOPHOSPHATE"         ? 'C10 H15 N2 O8 P' 322.208 
HOH non-polymer   . WATER                                ? 'H2 O'            18.015  
# 
loop_
_pdbx_poly_seq_scheme.asym_id 
_pdbx_poly_seq_scheme.entity_id 
_pdbx_poly_seq_scheme.seq_id 
_pdbx_poly_seq_scheme.mon_id 
_pdbx_poly_seq_scheme.ndb_seq_num 
_pdbx_poly_seq_scheme.pdb_seq_num 
_pdbx_poly_seq_scheme.auth_seq_num 
_pdbx_poly_seq_scheme.pdb_mon_id 
_pdbx_poly_seq_scheme.auth_mon_id 
_pdbx_poly_seq_scheme.pdb_strand_id 
_pdbx_poly_seq_scheme.pdb_ins_code 
_pdbx_poly_seq_scheme.hetero 
A 1 1  DC 1  1  1  DC C A . n 
A 1 2  DG 2  2  2  DG G A . n 
A 1 3  DC 3  3  3  DC C A . n 
A 1 4  DI 4  4  4  DI I A . n 
A 1 5  DA 5  5  5  DA A A . n 
A 1 6  DA 6  6  6  DA A A . n 
A 1 7  DT 7  7  7  DT T A . n 
A 1 8  DT 8  8  8  DT T A . n 
A 1 9  DA 9  9  9  DA A A . n 
A 1 10 DG 10 10 10 DG G A . n 
A 1 11 DC 11 11 11 DC C A . n 
A 1 12 DG 12 12 12 DG G A . n 
B 1 1  DC 1  13 13 DC C B . n 
B 1 2  DG 2  14 14 DG G B . n 
B 1 3  DC 3  15 15 DC C B . n 
B 1 4  DI 4  16 16 DI I B . n 
B 1 5  DA 5  17 17 DA A B . n 
B 1 6  DA 6  18 18 DA A B . n 
B 1 7  DT 7  19 19 DT T B . n 
B 1 8  DT 8  20 20 DT T B . n 
B 1 9  DA 9  21 21 DA A B . n 
B 1 10 DG 10 22 22 DG G B . n 
B 1 11 DC 11 23 23 DC C B . n 
B 1 12 DG 12 24 24 DG G B . n 
# 
loop_
_pdbx_nonpoly_scheme.asym_id 
_pdbx_nonpoly_scheme.entity_id 
_pdbx_nonpoly_scheme.mon_id 
_pdbx_nonpoly_scheme.ndb_seq_num 
_pdbx_nonpoly_scheme.pdb_seq_num 
_pdbx_nonpoly_scheme.auth_seq_num 
_pdbx_nonpoly_scheme.pdb_mon_id 
_pdbx_nonpoly_scheme.auth_mon_id 
_pdbx_nonpoly_scheme.pdb_strand_id 
_pdbx_nonpoly_scheme.pdb_ins_code 
C 2 HOH 1  25 25 HOH HOH A . 
C 2 HOH 2  26 26 HOH HOH A . 
C 2 HOH 3  27 27 HOH HOH A . 
C 2 HOH 4  28 28 HOH HOH A . 
C 2 HOH 5  30 30 HOH HOH A . 
C 2 HOH 6  31 31 HOH HOH A . 
C 2 HOH 7  35 35 HOH HOH A . 
C 2 HOH 8  36 36 HOH HOH A . 
C 2 HOH 9  37 37 HOH HOH A . 
C 2 HOH 10 39 39 HOH HOH A . 
C 2 HOH 11 41 41 HOH HOH A . 
C 2 HOH 12 42 42 HOH HOH A . 
C 2 HOH 13 44 44 HOH HOH A . 
C 2 HOH 14 45 45 HOH HOH A . 
C 2 HOH 15 47 47 HOH HOH A . 
C 2 HOH 16 48 48 HOH HOH A . 
C 2 HOH 17 49 49 HOH HOH A . 
C 2 HOH 18 50 50 HOH HOH A . 
C 2 HOH 19 51 51 HOH HOH A . 
C 2 HOH 20 52 52 HOH HOH A . 
C 2 HOH 21 54 54 HOH HOH A . 
C 2 HOH 22 56 56 HOH HOH A . 
C 2 HOH 23 57 57 HOH HOH A . 
C 2 HOH 24 59 59 HOH HOH A . 
C 2 HOH 25 60 60 HOH HOH A . 
C 2 HOH 26 61 61 HOH HOH A . 
C 2 HOH 27 62 62 HOH HOH A . 
C 2 HOH 28 63 63 HOH HOH A . 
C 2 HOH 29 64 64 HOH HOH A . 
C 2 HOH 30 66 66 HOH HOH A . 
C 2 HOH 31 70 70 HOH HOH A . 
C 2 HOH 32 72 72 HOH HOH A . 
C 2 HOH 33 74 74 HOH HOH A . 
C 2 HOH 34 77 77 HOH HOH A . 
C 2 HOH 35 78 78 HOH HOH A . 
C 2 HOH 36 80 80 HOH HOH A . 
C 2 HOH 37 83 83 HOH HOH A . 
C 2 HOH 38 84 84 HOH HOH A . 
C 2 HOH 39 86 86 HOH HOH A . 
D 2 HOH 1  29 29 HOH HOH B . 
D 2 HOH 2  32 32 HOH HOH B . 
D 2 HOH 3  33 33 HOH HOH B . 
D 2 HOH 4  34 34 HOH HOH B . 
D 2 HOH 5  38 38 HOH HOH B . 
D 2 HOH 6  40 40 HOH HOH B . 
D 2 HOH 7  43 43 HOH HOH B . 
D 2 HOH 8  46 46 HOH HOH B . 
D 2 HOH 9  53 53 HOH HOH B . 
D 2 HOH 10 55 55 HOH HOH B . 
D 2 HOH 11 58 58 HOH HOH B . 
D 2 HOH 12 65 65 HOH HOH B . 
D 2 HOH 13 67 67 HOH HOH B . 
D 2 HOH 14 68 68 HOH HOH B . 
D 2 HOH 15 69 69 HOH HOH B . 
D 2 HOH 16 71 71 HOH HOH B . 
D 2 HOH 17 73 73 HOH HOH B . 
D 2 HOH 18 75 75 HOH HOH B . 
D 2 HOH 19 76 76 HOH HOH B . 
D 2 HOH 20 79 79 HOH HOH B . 
D 2 HOH 21 81 81 HOH HOH B . 
D 2 HOH 22 82 82 HOH HOH B . 
D 2 HOH 23 85 85 HOH HOH B . 
D 2 HOH 24 87 87 HOH HOH B . 
D 2 HOH 25 88 88 HOH HOH B . 
# 
_software.name             NUCLSQ 
_software.classification   refinement 
_software.version          . 
_software.citation_id      ? 
_software.pdbx_ordinal     1 
# 
_cell.entry_id           114D 
_cell.length_a           25.850 
_cell.length_b           41.990 
_cell.length_c           65.100 
_cell.angle_alpha        90.00 
_cell.angle_beta         90.00 
_cell.angle_gamma        90.00 
_cell.Z_PDB              8 
_cell.pdbx_unique_axis   ? 
# 
_symmetry.entry_id                         114D 
_symmetry.space_group_name_H-M             'P 21 21 21' 
_symmetry.pdbx_full_space_group_name_H-M   ? 
_symmetry.cell_setting                     ? 
_symmetry.Int_Tables_number                19 
# 
_exptl.entry_id          114D 
_exptl.method            'X-RAY DIFFRACTION' 
_exptl.crystals_number   ? 
# 
_exptl_crystal.id                    1 
_exptl_crystal.density_meas          ? 
_exptl_crystal.density_Matthews      2.41 
_exptl_crystal.density_percent_sol   48.86 
_exptl_crystal.description           ? 
# 
_exptl_crystal_grow.crystal_id      1 
_exptl_crystal_grow.method          'VAPOR DIFFUSION, SITTING DROP' 
_exptl_crystal_grow.temp            ? 
_exptl_crystal_grow.temp_details    ? 
_exptl_crystal_grow.pH              7.40 
_exptl_crystal_grow.pdbx_details    'pH 7.40, VAPOR DIFFUSION, SITTING DROP' 
_exptl_crystal_grow.pdbx_pH_range   ? 
# 
loop_
_exptl_crystal_grow_comp.crystal_id 
_exptl_crystal_grow_comp.id 
_exptl_crystal_grow_comp.sol_id 
_exptl_crystal_grow_comp.name 
_exptl_crystal_grow_comp.volume 
_exptl_crystal_grow_comp.conc 
_exptl_crystal_grow_comp.details 
1 1 1 WATER           ? ? ? 
1 2 1 MPD             ? ? ? 
1 3 1 'NA CACODYLATE' ? ? ? 
1 4 1 MGCL2           ? ? ? 
1 5 1 SPERMINE        ? ? ? 
# 
_diffrn.id                     1 
_diffrn.ambient_temp           277.00 
_diffrn.ambient_temp_details   ? 
_diffrn.crystal_id             1 
# 
_diffrn_detector.diffrn_id              1 
_diffrn_detector.detector               DIFFRACTOMETER 
_diffrn_detector.type                   'SYNTEX P21' 
_diffrn_detector.pdbx_collection_date   ? 
_diffrn_detector.details                ? 
# 
_diffrn_radiation.diffrn_id                        1 
_diffrn_radiation.wavelength_id                    1 
_diffrn_radiation.pdbx_monochromatic_or_laue_m_l   ? 
_diffrn_radiation.monochromator                    ? 
_diffrn_radiation.pdbx_diffrn_protocol             ? 
_diffrn_radiation.pdbx_scattering_type             x-ray 
# 
_diffrn_radiation_wavelength.id           1 
_diffrn_radiation_wavelength.wavelength   . 
_diffrn_radiation_wavelength.wt           1.0 
# 
_diffrn_source.diffrn_id                   1 
_diffrn_source.source                      ? 
_diffrn_source.type                        ? 
_diffrn_source.pdbx_synchrotron_site       ? 
_diffrn_source.pdbx_synchrotron_beamline   ? 
_diffrn_source.pdbx_wavelength             ? 
_diffrn_source.pdbx_wavelength_list        ? 
# 
_reflns.entry_id                     114D 
_reflns.observed_criterion_sigma_I   1.000 
_reflns.observed_criterion_sigma_F   ? 
_reflns.d_resolution_low             ? 
_reflns.d_resolution_high            2.500 
_reflns.number_obs                   2207 
_reflns.number_all                   ? 
_reflns.percent_possible_obs         ? 
_reflns.pdbx_Rmerge_I_obs            ? 
_reflns.pdbx_Rsym_value              ? 
_reflns.pdbx_netI_over_sigmaI        ? 
_reflns.B_iso_Wilson_estimate        ? 
_reflns.pdbx_redundancy              ? 
_reflns.pdbx_diffrn_id               1 
_reflns.pdbx_ordinal                 1 
# 
_refine.entry_id                                 114D 
_refine.ls_number_reflns_obs                     2105 
_refine.ls_number_reflns_all                     ? 
_refine.pdbx_ls_sigma_I                          1.000 
_refine.pdbx_ls_sigma_F                          ? 
_refine.pdbx_data_cutoff_high_absF               ? 
_refine.pdbx_data_cutoff_low_absF                ? 
_refine.pdbx_data_cutoff_high_rms_absF           ? 
_refine.ls_d_res_low                             8.000 
_refine.ls_d_res_high                            2.500 
_refine.ls_percent_reflns_obs                    ? 
_refine.ls_R_factor_obs                          0.1900000 
_refine.ls_R_factor_all                          ? 
_refine.ls_R_factor_R_work                       ? 
_refine.ls_R_factor_R_free                       ? 
_refine.ls_R_factor_R_free_error                 ? 
_refine.ls_R_factor_R_free_error_details         ? 
_refine.ls_percent_reflns_R_free                 ? 
_refine.ls_number_reflns_R_free                  ? 
_refine.ls_number_parameters                     ? 
_refine.ls_number_restraints                     ? 
_refine.occupancy_min                            ? 
_refine.occupancy_max                            ? 
_refine.B_iso_mean                               ? 
_refine.aniso_B[1][1]                            ? 
_refine.aniso_B[2][2]                            ? 
_refine.aniso_B[3][3]                            ? 
_refine.aniso_B[1][2]                            ? 
_refine.aniso_B[1][3]                            ? 
_refine.aniso_B[2][3]                            ? 
_refine.solvent_model_details                    ? 
_refine.solvent_model_param_ksol                 ? 
_refine.solvent_model_param_bsol                 ? 
_refine.pdbx_ls_cross_valid_method               ? 
_refine.details                                  ? 
_refine.pdbx_starting_model                      ? 
_refine.pdbx_method_to_determine_struct          ? 
_refine.pdbx_isotropic_thermal_model             ? 
_refine.pdbx_stereochemistry_target_values       ? 
_refine.pdbx_stereochem_target_val_spec_case     ? 
_refine.pdbx_R_Free_selection_details            ? 
_refine.pdbx_overall_ESU_R                       ? 
_refine.pdbx_overall_ESU_R_Free                  ? 
_refine.overall_SU_ML                            ? 
_refine.overall_SU_B                             ? 
_refine.pdbx_refine_id                           'X-RAY DIFFRACTION' 
_refine.pdbx_diffrn_id                           1 
_refine.pdbx_TLS_residual_ADP_flag               ? 
_refine.correlation_coeff_Fo_to_Fc               ? 
_refine.correlation_coeff_Fo_to_Fc_free          ? 
_refine.pdbx_solvent_vdw_probe_radii             ? 
_refine.pdbx_solvent_ion_probe_radii             ? 
_refine.pdbx_solvent_shrinkage_radii             ? 
_refine.pdbx_overall_phase_error                 ? 
_refine.overall_SU_R_Cruickshank_DPI             ? 
_refine.pdbx_overall_SU_R_free_Cruickshank_DPI   ? 
_refine.pdbx_overall_SU_R_Blow_DPI               ? 
_refine.pdbx_overall_SU_R_free_Blow_DPI          ? 
# 
_refine_hist.pdbx_refine_id                   'X-RAY DIFFRACTION' 
_refine_hist.cycle_id                         LAST 
_refine_hist.pdbx_number_atoms_protein        0 
_refine_hist.pdbx_number_atoms_nucleic_acid   488 
_refine_hist.pdbx_number_atoms_ligand         0 
_refine_hist.number_atoms_solvent             64 
_refine_hist.number_atoms_total               552 
_refine_hist.d_res_high                       2.500 
_refine_hist.d_res_low                        8.000 
# 
_struct.entry_id                  114D 
_struct.title                     'INOSINE-ADENINE BASE PAIRS IN A B-DNA DUPLEX' 
_struct.pdbx_model_details        ? 
_struct.pdbx_CASP_flag            ? 
_struct.pdbx_model_type_details   ? 
# 
_struct_keywords.entry_id        114D 
_struct_keywords.pdbx_keywords   DNA 
_struct_keywords.text            'B-DNA, DOUBLE HELIX, MODIFIED, MISMATCHED, DNA' 
# 
loop_
_struct_asym.id 
_struct_asym.pdbx_blank_PDB_chainid_flag 
_struct_asym.pdbx_modified 
_struct_asym.entity_id 
_struct_asym.details 
A N N 1 ? 
B N N 1 ? 
C N N 2 ? 
D N N 2 ? 
# 
_struct_ref.id                         1 
_struct_ref.entity_id                  1 
_struct_ref.db_name                    PDB 
_struct_ref.db_code                    114D 
_struct_ref.pdbx_db_accession          114D 
_struct_ref.pdbx_db_isoform            ? 
_struct_ref.pdbx_seq_one_letter_code   ? 
_struct_ref.pdbx_align_begin           ? 
# 
loop_
_struct_ref_seq.align_id 
_struct_ref_seq.ref_id 
_struct_ref_seq.pdbx_PDB_id_code 
_struct_ref_seq.pdbx_strand_id 
_struct_ref_seq.seq_align_beg 
_struct_ref_seq.pdbx_seq_align_beg_ins_code 
_struct_ref_seq.seq_align_end 
_struct_ref_seq.pdbx_seq_align_end_ins_code 
_struct_ref_seq.pdbx_db_accession 
_struct_ref_seq.db_align_beg 
_struct_ref_seq.pdbx_db_align_beg_ins_code 
_struct_ref_seq.db_align_end 
_struct_ref_seq.pdbx_db_align_end_ins_code 
_struct_ref_seq.pdbx_auth_seq_align_beg 
_struct_ref_seq.pdbx_auth_seq_align_end 
1 1 114D A 1 ? 12 ? 114D 1  ? 12 ? 1  12 
2 1 114D B 1 ? 12 ? 114D 13 ? 24 ? 13 24 
# 
_pdbx_struct_assembly.id                   1 
_pdbx_struct_assembly.details              author_defined_assembly 
_pdbx_struct_assembly.method_details       ? 
_pdbx_struct_assembly.oligomeric_details   dimeric 
_pdbx_struct_assembly.oligomeric_count     2 
# 
_pdbx_struct_assembly_gen.assembly_id       1 
_pdbx_struct_assembly_gen.oper_expression   1 
_pdbx_struct_assembly_gen.asym_id_list      A,B,C,D 
# 
_pdbx_struct_oper_list.id                   1 
_pdbx_struct_oper_list.type                 'identity operation' 
_pdbx_struct_oper_list.name                 1_555 
_pdbx_struct_oper_list.symmetry_operation   x,y,z 
_pdbx_struct_oper_list.matrix[1][1]         1.0000000000 
_pdbx_struct_oper_list.matrix[1][2]         0.0000000000 
_pdbx_struct_oper_list.matrix[1][3]         0.0000000000 
_pdbx_struct_oper_list.vector[1]            0.0000000000 
_pdbx_struct_oper_list.matrix[2][1]         0.0000000000 
_pdbx_struct_oper_list.matrix[2][2]         1.0000000000 
_pdbx_struct_oper_list.matrix[2][3]         0.0000000000 
_pdbx_struct_oper_list.vector[2]            0.0000000000 
_pdbx_struct_oper_list.matrix[3][1]         0.0000000000 
_pdbx_struct_oper_list.matrix[3][2]         0.0000000000 
_pdbx_struct_oper_list.matrix[3][3]         1.0000000000 
_pdbx_struct_oper_list.vector[3]            0.0000000000 
# 
_struct_biol.id   1 
# 
loop_
_struct_conn.id 
_struct_conn.conn_type_id 
_struct_conn.pdbx_leaving_atom_flag 
_struct_conn.pdbx_PDB_id 
_struct_conn.ptnr1_label_asym_id 
_struct_conn.ptnr1_label_comp_id 
_struct_conn.ptnr1_label_seq_id 
_struct_conn.ptnr1_label_atom_id 
_struct_conn.pdbx_ptnr1_label_alt_id 
_struct_conn.pdbx_ptnr1_PDB_ins_code 
_struct_conn.pdbx_ptnr1_standard_comp_id 
_struct_conn.ptnr1_symmetry 
_struct_conn.ptnr2_label_asym_id 
_struct_conn.ptnr2_label_comp_id 
_struct_conn.ptnr2_label_seq_id 
_struct_conn.ptnr2_label_atom_id 
_struct_conn.pdbx_ptnr2_label_alt_id 
_struct_conn.pdbx_ptnr2_PDB_ins_code 
_struct_conn.ptnr1_auth_asym_id 
_struct_conn.ptnr1_auth_comp_id 
_struct_conn.ptnr1_auth_seq_id 
_struct_conn.ptnr2_auth_asym_id 
_struct_conn.ptnr2_auth_comp_id 
_struct_conn.ptnr2_auth_seq_id 
_struct_conn.ptnr2_symmetry 
_struct_conn.pdbx_ptnr3_label_atom_id 
_struct_conn.pdbx_ptnr3_label_seq_id 
_struct_conn.pdbx_ptnr3_label_comp_id 
_struct_conn.pdbx_ptnr3_label_asym_id 
_struct_conn.pdbx_ptnr3_label_alt_id 
_struct_conn.pdbx_ptnr3_PDB_ins_code 
_struct_conn.details 
_struct_conn.pdbx_dist_value 
_struct_conn.pdbx_value_order 
_struct_conn.pdbx_role 
hydrog1  hydrog ? ? A DC 1  N3 ? ? ? 1_555 B DG 12 N1 ? ? A DC 1  B DG 24 1_555 ? ? ? ? ? ? WATSON-CRICK ? ? ? 
hydrog2  hydrog ? ? A DC 1  N4 ? ? ? 1_555 B DG 12 O6 ? ? A DC 1  B DG 24 1_555 ? ? ? ? ? ? WATSON-CRICK ? ? ? 
hydrog3  hydrog ? ? A DC 1  O2 ? ? ? 1_555 B DG 12 N2 ? ? A DC 1  B DG 24 1_555 ? ? ? ? ? ? WATSON-CRICK ? ? ? 
hydrog4  hydrog ? ? A DG 2  N1 ? ? ? 1_555 B DC 11 N3 ? ? A DG 2  B DC 23 1_555 ? ? ? ? ? ? WATSON-CRICK ? ? ? 
hydrog5  hydrog ? ? A DG 2  N2 ? ? ? 1_555 B DC 11 O2 ? ? A DG 2  B DC 23 1_555 ? ? ? ? ? ? WATSON-CRICK ? ? ? 
hydrog6  hydrog ? ? A DG 2  O6 ? ? ? 1_555 B DC 11 N4 ? ? A DG 2  B DC 23 1_555 ? ? ? ? ? ? WATSON-CRICK ? ? ? 
hydrog7  hydrog ? ? A DC 3  N3 ? ? ? 1_555 B DG 10 N1 ? ? A DC 3  B DG 22 1_555 ? ? ? ? ? ? WATSON-CRICK ? ? ? 
hydrog8  hydrog ? ? A DC 3  N4 ? ? ? 1_555 B DG 10 O6 ? ? A DC 3  B DG 22 1_555 ? ? ? ? ? ? WATSON-CRICK ? ? ? 
hydrog9  hydrog ? ? A DC 3  O2 ? ? ? 1_555 B DG 10 N2 ? ? A DC 3  B DG 22 1_555 ? ? ? ? ? ? WATSON-CRICK ? ? ? 
hydrog10 hydrog ? ? A DA 5  N1 ? ? ? 1_555 B DT 8  N3 ? ? A DA 5  B DT 20 1_555 ? ? ? ? ? ? WATSON-CRICK ? ? ? 
hydrog11 hydrog ? ? A DA 5  N6 ? ? ? 1_555 B DT 8  O4 ? ? A DA 5  B DT 20 1_555 ? ? ? ? ? ? WATSON-CRICK ? ? ? 
hydrog12 hydrog ? ? A DA 6  N1 ? ? ? 1_555 B DT 7  N3 ? ? A DA 6  B DT 19 1_555 ? ? ? ? ? ? WATSON-CRICK ? ? ? 
hydrog13 hydrog ? ? A DA 6  N6 ? ? ? 1_555 B DT 7  O4 ? ? A DA 6  B DT 19 1_555 ? ? ? ? ? ? WATSON-CRICK ? ? ? 
hydrog14 hydrog ? ? A DT 7  N3 ? ? ? 1_555 B DA 6  N1 ? ? A DT 7  B DA 18 1_555 ? ? ? ? ? ? WATSON-CRICK ? ? ? 
hydrog15 hydrog ? ? A DT 7  O4 ? ? ? 1_555 B DA 6  N6 ? ? A DT 7  B DA 18 1_555 ? ? ? ? ? ? WATSON-CRICK ? ? ? 
hydrog16 hydrog ? ? A DT 8  N3 ? ? ? 1_555 B DA 5  N1 ? ? A DT 8  B DA 17 1_555 ? ? ? ? ? ? WATSON-CRICK ? ? ? 
hydrog17 hydrog ? ? A DT 8  O4 ? ? ? 1_555 B DA 5  N6 ? ? A DT 8  B DA 17 1_555 ? ? ? ? ? ? WATSON-CRICK ? ? ? 
hydrog18 hydrog ? ? A DG 10 N1 ? ? ? 1_555 B DC 3  N3 ? ? A DG 10 B DC 15 1_555 ? ? ? ? ? ? WATSON-CRICK ? ? ? 
hydrog19 hydrog ? ? A DG 10 N2 ? ? ? 1_555 B DC 3  O2 ? ? A DG 10 B DC 15 1_555 ? ? ? ? ? ? WATSON-CRICK ? ? ? 
hydrog20 hydrog ? ? A DG 10 O6 ? ? ? 1_555 B DC 3  N4 ? ? A DG 10 B DC 15 1_555 ? ? ? ? ? ? WATSON-CRICK ? ? ? 
hydrog21 hydrog ? ? A DC 11 N3 ? ? ? 1_555 B DG 2  N1 ? ? A DC 11 B DG 14 1_555 ? ? ? ? ? ? WATSON-CRICK ? ? ? 
hydrog22 hydrog ? ? A DC 11 N4 ? ? ? 1_555 B DG 2  O6 ? ? A DC 11 B DG 14 1_555 ? ? ? ? ? ? WATSON-CRICK ? ? ? 
hydrog23 hydrog ? ? A DC 11 O2 ? ? ? 1_555 B DG 2  N2 ? ? A DC 11 B DG 14 1_555 ? ? ? ? ? ? WATSON-CRICK ? ? ? 
hydrog24 hydrog ? ? A DG 12 N1 ? ? ? 1_555 B DC 1  N3 ? ? A DG 12 B DC 13 1_555 ? ? ? ? ? ? WATSON-CRICK ? ? ? 
hydrog25 hydrog ? ? A DG 12 N2 ? ? ? 1_555 B DC 1  O2 ? ? A DG 12 B DC 13 1_555 ? ? ? ? ? ? WATSON-CRICK ? ? ? 
hydrog26 hydrog ? ? A DG 12 O6 ? ? ? 1_555 B DC 1  N4 ? ? A DG 12 B DC 13 1_555 ? ? ? ? ? ? WATSON-CRICK ? ? ? 
# 
_struct_conn_type.id          hydrog 
_struct_conn_type.criteria    ? 
_struct_conn_type.reference   ? 
# 
_pdbx_validate_symm_contact.id                1 
_pdbx_validate_symm_contact.PDB_model_num     1 
_pdbx_validate_symm_contact.auth_atom_id_1    "O5'" 
_pdbx_validate_symm_contact.auth_asym_id_1    B 
_pdbx_validate_symm_contact.auth_comp_id_1    DC 
_pdbx_validate_symm_contact.auth_seq_id_1     13 
_pdbx_validate_symm_contact.PDB_ins_code_1    ? 
_pdbx_validate_symm_contact.label_alt_id_1    ? 
_pdbx_validate_symm_contact.site_symmetry_1   1_555 
_pdbx_validate_symm_contact.auth_atom_id_2    O 
_pdbx_validate_symm_contact.auth_asym_id_2    A 
_pdbx_validate_symm_contact.auth_comp_id_2    HOH 
_pdbx_validate_symm_contact.auth_seq_id_2     72 
_pdbx_validate_symm_contact.PDB_ins_code_2    ? 
_pdbx_validate_symm_contact.label_alt_id_2    ? 
_pdbx_validate_symm_contact.site_symmetry_2   2_664 
_pdbx_validate_symm_contact.dist              2.19 
# 
_pdbx_validate_rmsd_bond.id                        1 
_pdbx_validate_rmsd_bond.PDB_model_num             1 
_pdbx_validate_rmsd_bond.auth_atom_id_1            "C5'" 
_pdbx_validate_rmsd_bond.auth_asym_id_1            A 
_pdbx_validate_rmsd_bond.auth_comp_id_1            DC 
_pdbx_validate_rmsd_bond.auth_seq_id_1             11 
_pdbx_validate_rmsd_bond.PDB_ins_code_1            ? 
_pdbx_validate_rmsd_bond.label_alt_id_1            ? 
_pdbx_validate_rmsd_bond.auth_atom_id_2            "C4'" 
_pdbx_validate_rmsd_bond.auth_asym_id_2            A 
_pdbx_validate_rmsd_bond.auth_comp_id_2            DC 
_pdbx_validate_rmsd_bond.auth_seq_id_2             11 
_pdbx_validate_rmsd_bond.PDB_ins_code_2            ? 
_pdbx_validate_rmsd_bond.label_alt_id_2            ? 
_pdbx_validate_rmsd_bond.bond_value                1.443 
_pdbx_validate_rmsd_bond.bond_target_value         1.509 
_pdbx_validate_rmsd_bond.bond_deviation            -0.066 
_pdbx_validate_rmsd_bond.bond_standard_deviation   0.011 
_pdbx_validate_rmsd_bond.linker_flag               N 
# 
loop_
_pdbx_validate_rmsd_angle.id 
_pdbx_validate_rmsd_angle.PDB_model_num 
_pdbx_validate_rmsd_angle.auth_atom_id_1 
_pdbx_validate_rmsd_angle.auth_asym_id_1 
_pdbx_validate_rmsd_angle.auth_comp_id_1 
_pdbx_validate_rmsd_angle.auth_seq_id_1 
_pdbx_validate_rmsd_angle.PDB_ins_code_1 
_pdbx_validate_rmsd_angle.label_alt_id_1 
_pdbx_validate_rmsd_angle.auth_atom_id_2 
_pdbx_validate_rmsd_angle.auth_asym_id_2 
_pdbx_validate_rmsd_angle.auth_comp_id_2 
_pdbx_validate_rmsd_angle.auth_seq_id_2 
_pdbx_validate_rmsd_angle.PDB_ins_code_2 
_pdbx_validate_rmsd_angle.label_alt_id_2 
_pdbx_validate_rmsd_angle.auth_atom_id_3 
_pdbx_validate_rmsd_angle.auth_asym_id_3 
_pdbx_validate_rmsd_angle.auth_comp_id_3 
_pdbx_validate_rmsd_angle.auth_seq_id_3 
_pdbx_validate_rmsd_angle.PDB_ins_code_3 
_pdbx_validate_rmsd_angle.label_alt_id_3 
_pdbx_validate_rmsd_angle.angle_value 
_pdbx_validate_rmsd_angle.angle_target_value 
_pdbx_validate_rmsd_angle.angle_deviation 
_pdbx_validate_rmsd_angle.angle_standard_deviation 
_pdbx_validate_rmsd_angle.linker_flag 
1  1 "O4'" A DG 2  ? ? "C1'" A DG 2  ? ? N9    A DG 2  ? ? 110.80 108.30 2.50  0.30 N 
2  1 "O4'" A DC 3  ? ? "C1'" A DC 3  ? ? N1    A DC 3  ? ? 111.35 108.30 3.05  0.30 N 
3  1 "C3'" A DT 7  ? ? "O3'" A DT 7  ? ? P     A DT 8  ? ? 132.25 119.70 12.55 1.20 Y 
4  1 "C3'" A DT 8  ? ? "O3'" A DT 8  ? ? P     A DA 9  ? ? 135.00 119.70 15.30 1.20 Y 
5  1 "C3'" A DG 10 ? ? "O3'" A DG 10 ? ? P     A DC 11 ? ? 132.23 119.70 12.53 1.20 Y 
6  1 "C3'" A DC 11 ? ? "O3'" A DC 11 ? ? P     A DG 12 ? ? 126.93 119.70 7.23  1.20 Y 
7  1 "O4'" B DC 13 ? ? "C1'" B DC 13 ? ? N1    B DC 13 ? ? 102.86 108.00 -5.14 0.70 N 
8  1 "O4'" B DG 14 ? ? "C1'" B DG 14 ? ? N9    B DG 14 ? ? 112.62 108.30 4.32  0.30 N 
9  1 "O5'" B DC 15 ? ? "C5'" B DC 15 ? ? "C4'" B DC 15 ? ? 104.32 109.40 -5.08 0.80 N 
10 1 "C1'" B DC 15 ? ? "O4'" B DC 15 ? ? "C4'" B DC 15 ? ? 103.37 110.10 -6.73 1.00 N 
11 1 "O4'" B DC 15 ? ? "C1'" B DC 15 ? ? N1    B DC 15 ? ? 111.57 108.30 3.27  0.30 N 
12 1 "C3'" B DA 17 ? ? "O3'" B DA 17 ? ? P     B DA 18 ? ? 130.60 119.70 10.90 1.20 Y 
13 1 "O4'" B DT 19 ? ? "C4'" B DT 19 ? ? "C3'" B DT 19 ? ? 110.37 106.00 4.37  0.60 N 
14 1 "C5'" B DT 19 ? ? "C4'" B DT 19 ? ? "O4'" B DT 19 ? ? 129.51 109.80 19.71 1.10 N 
15 1 "O4'" B DG 22 ? ? "C1'" B DG 22 ? ? N9    B DG 22 ? ? 111.74 108.30 3.44  0.30 N 
16 1 "O4'" B DC 23 ? ? "C1'" B DC 23 ? ? N1    B DC 23 ? ? 110.21 108.30 1.91  0.30 N 
# 
_pdbx_validate_chiral.id              1 
_pdbx_validate_chiral.PDB_model_num   1 
_pdbx_validate_chiral.auth_atom_id    "C4'" 
_pdbx_validate_chiral.label_alt_id    ? 
_pdbx_validate_chiral.auth_asym_id    B 
_pdbx_validate_chiral.auth_comp_id    DT 
_pdbx_validate_chiral.auth_seq_id     19 
_pdbx_validate_chiral.PDB_ins_code    ? 
_pdbx_validate_chiral.details         PLANAR 
_pdbx_validate_chiral.omega           . 
# 
loop_
_refine_B_iso.class 
_refine_B_iso.details 
_refine_B_iso.treatment 
_refine_B_iso.pdbx_refine_id 
'ALL ATOMS'  TR isotropic 'X-RAY DIFFRACTION' 
'ALL WATERS' TR isotropic 'X-RAY DIFFRACTION' 
# 
loop_
_refine_occupancy.class 
_refine_occupancy.treatment 
_refine_occupancy.pdbx_refine_id 
'ALL ATOMS'  fix 'X-RAY DIFFRACTION' 
'ALL WATERS' fix 'X-RAY DIFFRACTION' 
# 
loop_
_chem_comp_atom.comp_id 
_chem_comp_atom.atom_id 
_chem_comp_atom.type_symbol 
_chem_comp_atom.pdbx_aromatic_flag 
_chem_comp_atom.pdbx_stereo_config 
_chem_comp_atom.pdbx_ordinal 
DA  OP3    O N N 1   
DA  P      P N N 2   
DA  OP1    O N N 3   
DA  OP2    O N N 4   
DA  "O5'"  O N N 5   
DA  "C5'"  C N N 6   
DA  "C4'"  C N R 7   
DA  "O4'"  O N N 8   
DA  "C3'"  C N S 9   
DA  "O3'"  O N N 10  
DA  "C2'"  C N N 11  
DA  "C1'"  C N R 12  
DA  N9     N Y N 13  
DA  C8     C Y N 14  
DA  N7     N Y N 15  
DA  C5     C Y N 16  
DA  C6     C Y N 17  
DA  N6     N N N 18  
DA  N1     N Y N 19  
DA  C2     C Y N 20  
DA  N3     N Y N 21  
DA  C4     C Y N 22  
DA  HOP3   H N N 23  
DA  HOP2   H N N 24  
DA  "H5'"  H N N 25  
DA  "H5''" H N N 26  
DA  "H4'"  H N N 27  
DA  "H3'"  H N N 28  
DA  "HO3'" H N N 29  
DA  "H2'"  H N N 30  
DA  "H2''" H N N 31  
DA  "H1'"  H N N 32  
DA  H8     H N N 33  
DA  H61    H N N 34  
DA  H62    H N N 35  
DA  H2     H N N 36  
DC  OP3    O N N 37  
DC  P      P N N 38  
DC  OP1    O N N 39  
DC  OP2    O N N 40  
DC  "O5'"  O N N 41  
DC  "C5'"  C N N 42  
DC  "C4'"  C N R 43  
DC  "O4'"  O N N 44  
DC  "C3'"  C N S 45  
DC  "O3'"  O N N 46  
DC  "C2'"  C N N 47  
DC  "C1'"  C N R 48  
DC  N1     N N N 49  
DC  C2     C N N 50  
DC  O2     O N N 51  
DC  N3     N N N 52  
DC  C4     C N N 53  
DC  N4     N N N 54  
DC  C5     C N N 55  
DC  C6     C N N 56  
DC  HOP3   H N N 57  
DC  HOP2   H N N 58  
DC  "H5'"  H N N 59  
DC  "H5''" H N N 60  
DC  "H4'"  H N N 61  
DC  "H3'"  H N N 62  
DC  "HO3'" H N N 63  
DC  "H2'"  H N N 64  
DC  "H2''" H N N 65  
DC  "H1'"  H N N 66  
DC  H41    H N N 67  
DC  H42    H N N 68  
DC  H5     H N N 69  
DC  H6     H N N 70  
DG  OP3    O N N 71  
DG  P      P N N 72  
DG  OP1    O N N 73  
DG  OP2    O N N 74  
DG  "O5'"  O N N 75  
DG  "C5'"  C N N 76  
DG  "C4'"  C N R 77  
DG  "O4'"  O N N 78  
DG  "C3'"  C N S 79  
DG  "O3'"  O N N 80  
DG  "C2'"  C N N 81  
DG  "C1'"  C N R 82  
DG  N9     N Y N 83  
DG  C8     C Y N 84  
DG  N7     N Y N 85  
DG  C5     C Y N 86  
DG  C6     C N N 87  
DG  O6     O N N 88  
DG  N1     N N N 89  
DG  C2     C N N 90  
DG  N2     N N N 91  
DG  N3     N N N 92  
DG  C4     C Y N 93  
DG  HOP3   H N N 94  
DG  HOP2   H N N 95  
DG  "H5'"  H N N 96  
DG  "H5''" H N N 97  
DG  "H4'"  H N N 98  
DG  "H3'"  H N N 99  
DG  "HO3'" H N N 100 
DG  "H2'"  H N N 101 
DG  "H2''" H N N 102 
DG  "H1'"  H N N 103 
DG  H8     H N N 104 
DG  H1     H N N 105 
DG  H21    H N N 106 
DG  H22    H N N 107 
DI  OP3    O N N 108 
DI  P      P N N 109 
DI  OP1    O N N 110 
DI  OP2    O N N 111 
DI  "O5'"  O N N 112 
DI  "C5'"  C N N 113 
DI  "C4'"  C N R 114 
DI  "O4'"  O N N 115 
DI  "C3'"  C N S 116 
DI  "O3'"  O N N 117 
DI  "C2'"  C N N 118 
DI  "C1'"  C N R 119 
DI  N9     N Y N 120 
DI  C8     C Y N 121 
DI  N7     N Y N 122 
DI  C5     C Y N 123 
DI  C6     C N N 124 
DI  O6     O N N 125 
DI  N1     N N N 126 
DI  C2     C N N 127 
DI  N3     N N N 128 
DI  C4     C Y N 129 
DI  HOP3   H N N 130 
DI  HOP2   H N N 131 
DI  "H5'"  H N N 132 
DI  "H5''" H N N 133 
DI  "H4'"  H N N 134 
DI  "H3'"  H N N 135 
DI  "HO3'" H N N 136 
DI  "H2'"  H N N 137 
DI  "H2''" H N N 138 
DI  "H1'"  H N N 139 
DI  H8     H N N 140 
DI  H1     H N N 141 
DI  H2     H N N 142 
DT  OP3    O N N 143 
DT  P      P N N 144 
DT  OP1    O N N 145 
DT  OP2    O N N 146 
DT  "O5'"  O N N 147 
DT  "C5'"  C N N 148 
DT  "C4'"  C N R 149 
DT  "O4'"  O N N 150 
DT  "C3'"  C N S 151 
DT  "O3'"  O N N 152 
DT  "C2'"  C N N 153 
DT  "C1'"  C N R 154 
DT  N1     N N N 155 
DT  C2     C N N 156 
DT  O2     O N N 157 
DT  N3     N N N 158 
DT  C4     C N N 159 
DT  O4     O N N 160 
DT  C5     C N N 161 
DT  C7     C N N 162 
DT  C6     C N N 163 
DT  HOP3   H N N 164 
DT  HOP2   H N N 165 
DT  "H5'"  H N N 166 
DT  "H5''" H N N 167 
DT  "H4'"  H N N 168 
DT  "H3'"  H N N 169 
DT  "HO3'" H N N 170 
DT  "H2'"  H N N 171 
DT  "H2''" H N N 172 
DT  "H1'"  H N N 173 
DT  H3     H N N 174 
DT  H71    H N N 175 
DT  H72    H N N 176 
DT  H73    H N N 177 
DT  H6     H N N 178 
HOH O      O N N 179 
HOH H1     H N N 180 
HOH H2     H N N 181 
# 
loop_
_chem_comp_bond.comp_id 
_chem_comp_bond.atom_id_1 
_chem_comp_bond.atom_id_2 
_chem_comp_bond.value_order 
_chem_comp_bond.pdbx_aromatic_flag 
_chem_comp_bond.pdbx_stereo_config 
_chem_comp_bond.pdbx_ordinal 
DA  OP3   P      sing N N 1   
DA  OP3   HOP3   sing N N 2   
DA  P     OP1    doub N N 3   
DA  P     OP2    sing N N 4   
DA  P     "O5'"  sing N N 5   
DA  OP2   HOP2   sing N N 6   
DA  "O5'" "C5'"  sing N N 7   
DA  "C5'" "C4'"  sing N N 8   
DA  "C5'" "H5'"  sing N N 9   
DA  "C5'" "H5''" sing N N 10  
DA  "C4'" "O4'"  sing N N 11  
DA  "C4'" "C3'"  sing N N 12  
DA  "C4'" "H4'"  sing N N 13  
DA  "O4'" "C1'"  sing N N 14  
DA  "C3'" "O3'"  sing N N 15  
DA  "C3'" "C2'"  sing N N 16  
DA  "C3'" "H3'"  sing N N 17  
DA  "O3'" "HO3'" sing N N 18  
DA  "C2'" "C1'"  sing N N 19  
DA  "C2'" "H2'"  sing N N 20  
DA  "C2'" "H2''" sing N N 21  
DA  "C1'" N9     sing N N 22  
DA  "C1'" "H1'"  sing N N 23  
DA  N9    C8     sing Y N 24  
DA  N9    C4     sing Y N 25  
DA  C8    N7     doub Y N 26  
DA  C8    H8     sing N N 27  
DA  N7    C5     sing Y N 28  
DA  C5    C6     sing Y N 29  
DA  C5    C4     doub Y N 30  
DA  C6    N6     sing N N 31  
DA  C6    N1     doub Y N 32  
DA  N6    H61    sing N N 33  
DA  N6    H62    sing N N 34  
DA  N1    C2     sing Y N 35  
DA  C2    N3     doub Y N 36  
DA  C2    H2     sing N N 37  
DA  N3    C4     sing Y N 38  
DC  OP3   P      sing N N 39  
DC  OP3   HOP3   sing N N 40  
DC  P     OP1    doub N N 41  
DC  P     OP2    sing N N 42  
DC  P     "O5'"  sing N N 43  
DC  OP2   HOP2   sing N N 44  
DC  "O5'" "C5'"  sing N N 45  
DC  "C5'" "C4'"  sing N N 46  
DC  "C5'" "H5'"  sing N N 47  
DC  "C5'" "H5''" sing N N 48  
DC  "C4'" "O4'"  sing N N 49  
DC  "C4'" "C3'"  sing N N 50  
DC  "C4'" "H4'"  sing N N 51  
DC  "O4'" "C1'"  sing N N 52  
DC  "C3'" "O3'"  sing N N 53  
DC  "C3'" "C2'"  sing N N 54  
DC  "C3'" "H3'"  sing N N 55  
DC  "O3'" "HO3'" sing N N 56  
DC  "C2'" "C1'"  sing N N 57  
DC  "C2'" "H2'"  sing N N 58  
DC  "C2'" "H2''" sing N N 59  
DC  "C1'" N1     sing N N 60  
DC  "C1'" "H1'"  sing N N 61  
DC  N1    C2     sing N N 62  
DC  N1    C6     sing N N 63  
DC  C2    O2     doub N N 64  
DC  C2    N3     sing N N 65  
DC  N3    C4     doub N N 66  
DC  C4    N4     sing N N 67  
DC  C4    C5     sing N N 68  
DC  N4    H41    sing N N 69  
DC  N4    H42    sing N N 70  
DC  C5    C6     doub N N 71  
DC  C5    H5     sing N N 72  
DC  C6    H6     sing N N 73  
DG  OP3   P      sing N N 74  
DG  OP3   HOP3   sing N N 75  
DG  P     OP1    doub N N 76  
DG  P     OP2    sing N N 77  
DG  P     "O5'"  sing N N 78  
DG  OP2   HOP2   sing N N 79  
DG  "O5'" "C5'"  sing N N 80  
DG  "C5'" "C4'"  sing N N 81  
DG  "C5'" "H5'"  sing N N 82  
DG  "C5'" "H5''" sing N N 83  
DG  "C4'" "O4'"  sing N N 84  
DG  "C4'" "C3'"  sing N N 85  
DG  "C4'" "H4'"  sing N N 86  
DG  "O4'" "C1'"  sing N N 87  
DG  "C3'" "O3'"  sing N N 88  
DG  "C3'" "C2'"  sing N N 89  
DG  "C3'" "H3'"  sing N N 90  
DG  "O3'" "HO3'" sing N N 91  
DG  "C2'" "C1'"  sing N N 92  
DG  "C2'" "H2'"  sing N N 93  
DG  "C2'" "H2''" sing N N 94  
DG  "C1'" N9     sing N N 95  
DG  "C1'" "H1'"  sing N N 96  
DG  N9    C8     sing Y N 97  
DG  N9    C4     sing Y N 98  
DG  C8    N7     doub Y N 99  
DG  C8    H8     sing N N 100 
DG  N7    C5     sing Y N 101 
DG  C5    C6     sing N N 102 
DG  C5    C4     doub Y N 103 
DG  C6    O6     doub N N 104 
DG  C6    N1     sing N N 105 
DG  N1    C2     sing N N 106 
DG  N1    H1     sing N N 107 
DG  C2    N2     sing N N 108 
DG  C2    N3     doub N N 109 
DG  N2    H21    sing N N 110 
DG  N2    H22    sing N N 111 
DG  N3    C4     sing N N 112 
DI  OP3   P      sing N N 113 
DI  OP3   HOP3   sing N N 114 
DI  P     OP1    doub N N 115 
DI  P     OP2    sing N N 116 
DI  P     "O5'"  sing N N 117 
DI  OP2   HOP2   sing N N 118 
DI  "O5'" "C5'"  sing N N 119 
DI  "C5'" "C4'"  sing N N 120 
DI  "C5'" "H5'"  sing N N 121 
DI  "C5'" "H5''" sing N N 122 
DI  "C4'" "O4'"  sing N N 123 
DI  "C4'" "C3'"  sing N N 124 
DI  "C4'" "H4'"  sing N N 125 
DI  "O4'" "C1'"  sing N N 126 
DI  "C3'" "O3'"  sing N N 127 
DI  "C3'" "C2'"  sing N N 128 
DI  "C3'" "H3'"  sing N N 129 
DI  "O3'" "HO3'" sing N N 130 
DI  "C2'" "C1'"  sing N N 131 
DI  "C2'" "H2'"  sing N N 132 
DI  "C2'" "H2''" sing N N 133 
DI  "C1'" N9     sing N N 134 
DI  "C1'" "H1'"  sing N N 135 
DI  N9    C8     sing Y N 136 
DI  N9    C4     sing Y N 137 
DI  C8    N7     doub Y N 138 
DI  C8    H8     sing N N 139 
DI  N7    C5     sing Y N 140 
DI  C5    C6     sing N N 141 
DI  C5    C4     doub Y N 142 
DI  C6    O6     doub N N 143 
DI  C6    N1     sing N N 144 
DI  N1    C2     sing N N 145 
DI  N1    H1     sing N N 146 
DI  C2    N3     doub N N 147 
DI  C2    H2     sing N N 148 
DI  N3    C4     sing N N 149 
DT  OP3   P      sing N N 150 
DT  OP3   HOP3   sing N N 151 
DT  P     OP1    doub N N 152 
DT  P     OP2    sing N N 153 
DT  P     "O5'"  sing N N 154 
DT  OP2   HOP2   sing N N 155 
DT  "O5'" "C5'"  sing N N 156 
DT  "C5'" "C4'"  sing N N 157 
DT  "C5'" "H5'"  sing N N 158 
DT  "C5'" "H5''" sing N N 159 
DT  "C4'" "O4'"  sing N N 160 
DT  "C4'" "C3'"  sing N N 161 
DT  "C4'" "H4'"  sing N N 162 
DT  "O4'" "C1'"  sing N N 163 
DT  "C3'" "O3'"  sing N N 164 
DT  "C3'" "C2'"  sing N N 165 
DT  "C3'" "H3'"  sing N N 166 
DT  "O3'" "HO3'" sing N N 167 
DT  "C2'" "C1'"  sing N N 168 
DT  "C2'" "H2'"  sing N N 169 
DT  "C2'" "H2''" sing N N 170 
DT  "C1'" N1     sing N N 171 
DT  "C1'" "H1'"  sing N N 172 
DT  N1    C2     sing N N 173 
DT  N1    C6     sing N N 174 
DT  C2    O2     doub N N 175 
DT  C2    N3     sing N N 176 
DT  N3    C4     sing N N 177 
DT  N3    H3     sing N N 178 
DT  C4    O4     doub N N 179 
DT  C4    C5     sing N N 180 
DT  C5    C7     sing N N 181 
DT  C5    C6     doub N N 182 
DT  C7    H71    sing N N 183 
DT  C7    H72    sing N N 184 
DT  C7    H73    sing N N 185 
DT  C6    H6     sing N N 186 
HOH O     H1     sing N N 187 
HOH O     H2     sing N N 188 
# 
loop_
_ndb_struct_conf_na.entry_id 
_ndb_struct_conf_na.feature 
114D 'double helix'         
114D 'b-form double helix'  
114D 'mismatched base pair' 
# 
loop_
_ndb_struct_na_base_pair.model_number 
_ndb_struct_na_base_pair.i_label_asym_id 
_ndb_struct_na_base_pair.i_label_comp_id 
_ndb_struct_na_base_pair.i_label_seq_id 
_ndb_struct_na_base_pair.i_symmetry 
_ndb_struct_na_base_pair.j_label_asym_id 
_ndb_struct_na_base_pair.j_label_comp_id 
_ndb_struct_na_base_pair.j_label_seq_id 
_ndb_struct_na_base_pair.j_symmetry 
_ndb_struct_na_base_pair.shear 
_ndb_struct_na_base_pair.stretch 
_ndb_struct_na_base_pair.stagger 
_ndb_struct_na_base_pair.buckle 
_ndb_struct_na_base_pair.propeller 
_ndb_struct_na_base_pair.opening 
_ndb_struct_na_base_pair.pair_number 
_ndb_struct_na_base_pair.pair_name 
_ndb_struct_na_base_pair.i_auth_asym_id 
_ndb_struct_na_base_pair.i_auth_seq_id 
_ndb_struct_na_base_pair.i_PDB_ins_code 
_ndb_struct_na_base_pair.j_auth_asym_id 
_ndb_struct_na_base_pair.j_auth_seq_id 
_ndb_struct_na_base_pair.j_PDB_ins_code 
_ndb_struct_na_base_pair.hbond_type_28 
_ndb_struct_na_base_pair.hbond_type_12 
1 A DC 1  1_555 B DG 12 1_555 -0.675 -0.131 0.149  6.989  -11.241 -2.470 1  A_DC1:DG24_B  A 1  ? B 24 ? 19 1 
1 A DG 2  1_555 B DC 11 1_555 -0.609 -0.305 0.454  0.248  -8.573  -2.632 2  A_DG2:DC23_B  A 2  ? B 23 ? 19 1 
1 A DC 3  1_555 B DG 10 1_555 -0.526 -0.128 0.336  -8.748 -5.444  -1.547 3  A_DC3:DG22_B  A 3  ? B 22 ? 19 1 
1 A DA 5  1_555 B DT 8  1_555 0.011  -0.175 0.329  3.973  -12.083 2.833  4  A_DA5:DT20_B  A 5  ? B 20 ? 20 1 
1 A DA 6  1_555 B DT 7  1_555 -0.405 -0.226 0.228  11.146 -21.751 2.536  5  A_DA6:DT19_B  A 6  ? B 19 ? 20 1 
1 A DT 7  1_555 B DA 6  1_555 0.430  -0.259 -0.078 -3.594 -13.829 4.953  6  A_DT7:DA18_B  A 7  ? B 18 ? 20 1 
1 A DT 8  1_555 B DA 5  1_555 0.807  -0.368 -0.261 -5.868 -17.636 6.044  7  A_DT8:DA17_B  A 8  ? B 17 ? 20 1 
1 A DG 10 1_555 B DC 3  1_555 -0.215 -0.180 0.335  9.700  -4.885  -3.384 8  A_DG10:DC15_B A 10 ? B 15 ? 19 1 
1 A DC 11 1_555 B DG 2  1_555 0.500  -0.295 0.367  -0.896 -17.867 -2.335 9  A_DC11:DG14_B A 11 ? B 14 ? 19 1 
1 A DG 12 1_555 B DC 1  1_555 0.315  -0.123 -0.360 -4.164 -4.596  -2.911 10 A_DG12:DC13_B A 12 ? B 13 ? 19 1 
# 
loop_
_ndb_struct_na_base_pair_step.model_number 
_ndb_struct_na_base_pair_step.i_label_asym_id_1 
_ndb_struct_na_base_pair_step.i_label_comp_id_1 
_ndb_struct_na_base_pair_step.i_label_seq_id_1 
_ndb_struct_na_base_pair_step.i_symmetry_1 
_ndb_struct_na_base_pair_step.j_label_asym_id_1 
_ndb_struct_na_base_pair_step.j_label_comp_id_1 
_ndb_struct_na_base_pair_step.j_label_seq_id_1 
_ndb_struct_na_base_pair_step.j_symmetry_1 
_ndb_struct_na_base_pair_step.i_label_asym_id_2 
_ndb_struct_na_base_pair_step.i_label_comp_id_2 
_ndb_struct_na_base_pair_step.i_label_seq_id_2 
_ndb_struct_na_base_pair_step.i_symmetry_2 
_ndb_struct_na_base_pair_step.j_label_asym_id_2 
_ndb_struct_na_base_pair_step.j_label_comp_id_2 
_ndb_struct_na_base_pair_step.j_label_seq_id_2 
_ndb_struct_na_base_pair_step.j_symmetry_2 
_ndb_struct_na_base_pair_step.shift 
_ndb_struct_na_base_pair_step.slide 
_ndb_struct_na_base_pair_step.rise 
_ndb_struct_na_base_pair_step.tilt 
_ndb_struct_na_base_pair_step.roll 
_ndb_struct_na_base_pair_step.twist 
_ndb_struct_na_base_pair_step.x_displacement 
_ndb_struct_na_base_pair_step.y_displacement 
_ndb_struct_na_base_pair_step.helical_rise 
_ndb_struct_na_base_pair_step.inclination 
_ndb_struct_na_base_pair_step.tip 
_ndb_struct_na_base_pair_step.helical_twist 
_ndb_struct_na_base_pair_step.step_number 
_ndb_struct_na_base_pair_step.step_name 
_ndb_struct_na_base_pair_step.i_auth_asym_id_1 
_ndb_struct_na_base_pair_step.i_auth_seq_id_1 
_ndb_struct_na_base_pair_step.i_PDB_ins_code_1 
_ndb_struct_na_base_pair_step.j_auth_asym_id_1 
_ndb_struct_na_base_pair_step.j_auth_seq_id_1 
_ndb_struct_na_base_pair_step.j_PDB_ins_code_1 
_ndb_struct_na_base_pair_step.i_auth_asym_id_2 
_ndb_struct_na_base_pair_step.i_auth_seq_id_2 
_ndb_struct_na_base_pair_step.i_PDB_ins_code_2 
_ndb_struct_na_base_pair_step.j_auth_asym_id_2 
_ndb_struct_na_base_pair_step.j_auth_seq_id_2 
_ndb_struct_na_base_pair_step.j_PDB_ins_code_2 
1 A DC 1  1_555 B DG 12 1_555 A DG 2  1_555 B DC 11 1_555 -0.050 0.260  3.643 -2.162 0.234  39.631 0.353  -0.207 3.642 0.345   
3.186   39.689 1 AA_DC1DG2:DC23DG24_BB   A 1  ? B 24 ? A 2  ? B 23 ? 
1 A DG 2  1_555 B DC 11 1_555 A DC 3  1_555 B DG 10 1_555 0.846  0.358  3.570 5.449  -4.890 42.198 1.029  -0.560 3.585 -6.731  
-7.501  42.800 2 AA_DG2DC3:DG22DC23_BB   A 2  ? B 23 ? A 3  ? B 22 ? 
1 A DC 3  1_555 B DG 10 1_555 A DA 5  1_555 B DT 8  1_555 -0.177 0.686  6.553 -1.987 6.886  65.741 0.071  0.001  6.590 6.324   
1.825   66.087 3 AA_DC3DA5:DT20DG22_BB   A 3  ? B 22 ? A 5  ? B 20 ? 
1 A DA 5  1_555 B DT 8  1_555 A DA 6  1_555 B DT 7  1_555 -0.068 -0.311 2.888 0.992  -1.559 34.970 -0.309 0.245  2.895 -2.592  
-1.650  35.017 4 AA_DA5DA6:DT19DT20_BB   A 5  ? B 20 ? A 6  ? B 19 ? 
1 A DA 6  1_555 B DT 7  1_555 A DT 7  1_555 B DA 6  1_555 0.330  -0.460 3.741 2.622  -0.221 37.486 -0.681 -0.120 3.757 -0.344  
-4.074  37.575 5 AA_DA6DT7:DA18DT19_BB   A 6  ? B 19 ? A 7  ? B 18 ? 
1 A DT 7  1_555 B DA 6  1_555 A DT 8  1_555 B DA 5  1_555 -0.143 0.087  3.186 2.547  1.080  39.883 0.006  0.494  3.172 1.582   
-3.728  39.975 6 AA_DT7DT8:DA17DA18_BB   A 7  ? B 18 ? A 8  ? B 17 ? 
1 A DT 8  1_555 B DA 5  1_555 A DG 10 1_555 B DC 3  1_555 -0.119 1.264  6.467 -7.497 0.842  63.890 1.117  -0.523 6.458 0.792   
7.059   64.287 7 AA_DT8DG10:DC15DA17_BB  A 8  ? B 17 ? A 10 ? B 15 ? 
1 A DG 10 1_555 B DC 3  1_555 A DC 11 1_555 B DG 2  1_555 -1.278 0.237  3.560 -5.274 -7.841 44.149 1.087  1.144  3.592 -10.291 
6.923   45.099 8 AA_DG10DC11:DG14DC15_BB A 10 ? B 15 ? A 11 ? B 14 ? 
1 A DC 11 1_555 B DG 2  1_555 A DG 12 1_555 B DC 1  1_555 0.345  0.304  3.663 7.379  -2.956 32.752 1.069  0.760  3.613 -5.148  
-12.851 33.677 9 AA_DC11DG12:DC13DG14_BB A 11 ? B 14 ? A 12 ? B 13 ? 
# 
_atom_sites.entry_id                    114D 
_atom_sites.fract_transf_matrix[1][1]   0.02879530 
_atom_sites.fract_transf_matrix[1][2]   -0.01858038 
_atom_sites.fract_transf_matrix[1][3]   -0.01794797 
_atom_sites.fract_transf_matrix[2][1]   -0.00290658 
_atom_sites.fract_transf_matrix[2][2]   0.01393681 
_atom_sites.fract_transf_matrix[2][3]   -0.01909113 
_atom_sites.fract_transf_matrix[3][1]   0.01008509 
_atom_sites.fract_transf_matrix[3][2]   0.01003580 
_atom_sites.fract_transf_matrix[3][3]   0.00579086 
_atom_sites.fract_transf_vector[1]      0.597894 
_atom_sites.fract_transf_vector[2]      0.525288 
_atom_sites.fract_transf_vector[3]      0.119390 
# 
loop_
_atom_type.symbol 
C 
N 
O 
P 
# 
loop_
_atom_site.group_PDB 
_atom_site.id 
_atom_site.type_symbol 
_atom_site.label_atom_id 
_atom_site.label_alt_id 
_atom_site.label_comp_id 
_atom_site.label_asym_id 
_atom_site.label_entity_id 
_atom_site.label_seq_id 
_atom_site.pdbx_PDB_ins_code 
_atom_site.Cartn_x 
_atom_site.Cartn_y 
_atom_site.Cartn_z 
_atom_site.occupancy 
_atom_site.B_iso_or_equiv 
_atom_site.pdbx_formal_charge 
_atom_site.auth_seq_id 
_atom_site.auth_comp_id 
_atom_site.auth_asym_id 
_atom_site.auth_atom_id 
_atom_site.pdbx_PDB_model_num 
ATOM   1   O "O5'" . DC  A 1 1  ? 12.406  16.288  -8.180  1.00 10.00 ? 1  DC  A "O5'" 1 
ATOM   2   C "C5'" . DC  A 1 1  ? 11.816  16.252  -6.849  1.00 10.00 ? 1  DC  A "C5'" 1 
ATOM   3   C "C4'" . DC  A 1 1  ? 12.457  15.107  -6.100  1.00 10.00 ? 1  DC  A "C4'" 1 
ATOM   4   O "O4'" . DC  A 1 1  ? 12.362  15.380  -4.682  1.00 10.00 ? 1  DC  A "O4'" 1 
ATOM   5   C "C3'" . DC  A 1 1  ? 11.860  13.720  -6.320  1.00 10.00 ? 1  DC  A "C3'" 1 
ATOM   6   O "O3'" . DC  A 1 1  ? 12.879  12.724  -6.506  1.00 10.00 ? 1  DC  A "O3'" 1 
ATOM   7   C "C2'" . DC  A 1 1  ? 11.040  13.520  -5.043  1.00 10.00 ? 1  DC  A "C2'" 1 
ATOM   8   C "C1'" . DC  A 1 1  ? 11.983  14.142  -4.035  1.00 10.00 ? 1  DC  A "C1'" 1 
ATOM   9   N N1    . DC  A 1 1  ? 11.483  14.445  -2.706  1.00 10.00 ? 1  DC  A N1    1 
ATOM   10  C C2    . DC  A 1 1  ? 12.204  13.957  -1.595  1.00 10.00 ? 1  DC  A C2    1 
ATOM   11  O O2    . DC  A 1 1  ? 13.214  13.267  -1.813  1.00 10.00 ? 1  DC  A O2    1 
ATOM   12  N N3    . DC  A 1 1  ? 11.779  14.252  -0.347  1.00 10.00 ? 1  DC  A N3    1 
ATOM   13  C C4    . DC  A 1 1  ? 10.682  14.994  -0.172  1.00 10.00 ? 1  DC  A C4    1 
ATOM   14  N N4    . DC  A 1 1  ? 10.268  15.249  1.073   1.00 10.00 ? 1  DC  A N4    1 
ATOM   15  C C5    . DC  A 1 1  ? 9.936   15.491  -1.288  1.00 10.00 ? 1  DC  A C5    1 
ATOM   16  C C6    . DC  A 1 1  ? 10.367  15.207  -2.515  1.00 10.00 ? 1  DC  A C6    1 
ATOM   17  P P     . DG  A 1 2  ? 12.710  11.435  -7.448  1.00 10.00 ? 2  DG  A P     1 
ATOM   18  O OP1   . DG  A 1 2  ? 13.373  11.687  -8.763  1.00 10.00 ? 2  DG  A OP1   1 
ATOM   19  O OP2   . DG  A 1 2  ? 11.258  11.105  -7.525  1.00 10.00 ? 2  DG  A OP2   1 
ATOM   20  O "O5'" . DG  A 1 2  ? 13.476  10.264  -6.685  1.00 10.00 ? 2  DG  A "O5'" 1 
ATOM   21  C "C5'" . DG  A 1 2  ? 14.433  10.468  -5.629  1.00 10.00 ? 2  DG  A "C5'" 1 
ATOM   22  C "C4'" . DG  A 1 2  ? 14.443  9.362   -4.611  1.00 10.00 ? 2  DG  A "C4'" 1 
ATOM   23  O "O4'" . DG  A 1 2  ? 13.828  9.850   -3.385  1.00 10.00 ? 2  DG  A "O4'" 1 
ATOM   24  C "C3'" . DG  A 1 2  ? 13.707  8.077   -4.954  1.00 10.00 ? 2  DG  A "C3'" 1 
ATOM   25  O "O3'" . DG  A 1 2  ? 14.236  6.903   -4.341  1.00 10.00 ? 2  DG  A "O3'" 1 
ATOM   26  C "C2'" . DG  A 1 2  ? 12.305  8.403   -4.440  1.00 10.00 ? 2  DG  A "C2'" 1 
ATOM   27  C "C1'" . DG  A 1 2  ? 12.684  9.028   -3.093  1.00 10.00 ? 2  DG  A "C1'" 1 
ATOM   28  N N9    . DG  A 1 2  ? 11.619  9.820   -2.473  1.00 10.00 ? 2  DG  A N9    1 
ATOM   29  C C8    . DG  A 1 2  ? 10.630  10.579  -3.068  1.00 10.00 ? 2  DG  A C8    1 
ATOM   30  N N7    . DG  A 1 2  ? 9.833   11.151  -2.220  1.00 10.00 ? 2  DG  A N7    1 
ATOM   31  C C5    . DG  A 1 2  ? 10.308  10.762  -0.978  1.00 10.00 ? 2  DG  A C5    1 
ATOM   32  C C6    . DG  A 1 2  ? 9.830   11.089  0.308   1.00 10.00 ? 2  DG  A C6    1 
ATOM   33  O O6    . DG  A 1 2  ? 8.862   11.798  0.611   1.00 10.00 ? 2  DG  A O6    1 
ATOM   34  N N1    . DG  A 1 2  ? 10.584  10.472  1.308   1.00 10.00 ? 2  DG  A N1    1 
ATOM   35  C C2    . DG  A 1 2  ? 11.671  9.666   1.073   1.00 10.00 ? 2  DG  A C2    1 
ATOM   36  N N2    . DG  A 1 2  ? 12.270  9.156   2.155   1.00 10.00 ? 2  DG  A N2    1 
ATOM   37  N N3    . DG  A 1 2  ? 12.133  9.349   -0.135  1.00 10.00 ? 2  DG  A N3    1 
ATOM   38  C C4    . DG  A 1 2  ? 11.396  9.937   -1.113  1.00 10.00 ? 2  DG  A C4    1 
ATOM   39  P P     . DC  A 1 3  ? 13.788  5.458   -4.841  1.00 10.00 ? 3  DC  A P     1 
ATOM   40  O OP1   . DC  A 1 3  ? 15.003  4.745   -5.358  1.00 10.00 ? 3  DC  A OP1   1 
ATOM   41  O OP2   . DC  A 1 3  ? 12.661  5.546   -5.810  1.00 10.00 ? 3  DC  A OP2   1 
ATOM   42  O "O5'" . DC  A 1 3  ? 13.306  4.712   -3.516  1.00 10.00 ? 3  DC  A "O5'" 1 
ATOM   43  C "C5'" . DC  A 1 3  ? 14.293  4.277   -2.548  1.00 10.00 ? 3  DC  A "C5'" 1 
ATOM   44  C "C4'" . DC  A 1 3  ? 13.622  4.327   -1.190  1.00 10.00 ? 3  DC  A "C4'" 1 
ATOM   45  O "O4'" . DC  A 1 3  ? 12.900  5.575   -1.110  1.00 10.00 ? 3  DC  A "O4'" 1 
ATOM   46  C "C3'" . DC  A 1 3  ? 12.597  3.250   -0.923  1.00 10.00 ? 3  DC  A "C3'" 1 
ATOM   47  O "O3'" . DC  A 1 3  ? 13.134  2.130   -0.178  1.00 10.00 ? 3  DC  A "O3'" 1 
ATOM   48  C "C2'" . DC  A 1 3  ? 11.523  3.926   -0.104  1.00 10.00 ? 3  DC  A "C2'" 1 
ATOM   49  C "C1'" . DC  A 1 3  ? 11.814  5.381   -0.212  1.00 10.00 ? 3  DC  A "C1'" 1 
ATOM   50  N N1    . DC  A 1 3  ? 10.637  6.151   -0.623  1.00 10.00 ? 3  DC  A N1    1 
ATOM   51  C C2    . DC  A 1 3  ? 9.892   6.764   0.409   1.00 10.00 ? 3  DC  A C2    1 
ATOM   52  O O2    . DC  A 1 3  ? 10.282  6.607   1.572   1.00 10.00 ? 3  DC  A O2    1 
ATOM   53  N N3    . DC  A 1 3  ? 8.798   7.482   0.068   1.00 10.00 ? 3  DC  A N3    1 
ATOM   54  C C4    . DC  A 1 3  ? 8.459   7.611   -1.206  1.00 10.00 ? 3  DC  A C4    1 
ATOM   55  N N4    . DC  A 1 3  ? 7.392   8.343   -1.514  1.00 10.00 ? 3  DC  A N4    1 
ATOM   56  C C5    . DC  A 1 3  ? 9.212   6.992   -2.255  1.00 10.00 ? 3  DC  A C5    1 
ATOM   57  C C6    . DC  A 1 3  ? 10.276  6.266   -1.920  1.00 10.00 ? 3  DC  A C6    1 
ATOM   58  P P     . DI  A 1 4  ? 12.553  0.673   -0.420  1.00 10.00 ? 4  DI  A P     1 
ATOM   59  O OP1   . DI  A 1 4  ? 13.507  -0.053  -1.325  1.00 10.00 ? 4  DI  A OP1   1 
ATOM   60  O OP2   . DI  A 1 4  ? 11.150  0.729   -0.925  1.00 10.00 ? 4  DI  A OP2   1 
ATOM   61  O "O5'" . DI  A 1 4  ? 12.527  -0.031  0.998   1.00 10.00 ? 4  DI  A "O5'" 1 
ATOM   62  C "C5'" . DI  A 1 4  ? 13.360  0.420   2.101   1.00 10.00 ? 4  DI  A "C5'" 1 
ATOM   63  C "C4'" . DI  A 1 4  ? 12.363  0.874   3.155   1.00 10.00 ? 4  DI  A "C4'" 1 
ATOM   64  O "O4'" . DI  A 1 4  ? 11.499  1.864   2.580   1.00 10.00 ? 4  DI  A "O4'" 1 
ATOM   65  C "C3'" . DI  A 1 4  ? 11.459  -0.262  3.658   1.00 10.00 ? 4  DI  A "C3'" 1 
ATOM   66  O "O3'" . DI  A 1 4  ? 11.468  -0.326  5.081   1.00 10.00 ? 4  DI  A "O3'" 1 
ATOM   67  C "C2'" . DI  A 1 4  ? 10.142  0.047   2.979   1.00 10.00 ? 4  DI  A "C2'" 1 
ATOM   68  C "C1'" . DI  A 1 4  ? 10.143  1.556   3.022   1.00 10.00 ? 4  DI  A "C1'" 1 
ATOM   69  N N9    . DI  A 1 4  ? 9.265   2.236   2.076   1.00 10.00 ? 4  DI  A N9    1 
ATOM   70  C C8    . DI  A 1 4  ? 9.181   2.017   0.723   1.00 10.00 ? 4  DI  A C8    1 
ATOM   71  N N7    . DI  A 1 4  ? 8.332   2.800   0.116   1.00 10.00 ? 4  DI  A N7    1 
ATOM   72  C C5    . DI  A 1 4  ? 7.818   3.597   1.136   1.00 10.00 ? 4  DI  A C5    1 
ATOM   73  C C6    . DI  A 1 4  ? 6.851   4.630   1.079   1.00 10.00 ? 4  DI  A C6    1 
ATOM   74  O O6    . DI  A 1 4  ? 6.252   5.059   0.085   1.00 10.00 ? 4  DI  A O6    1 
ATOM   75  N N1    . DI  A 1 4  ? 6.612   5.173   2.334   1.00 10.00 ? 4  DI  A N1    1 
ATOM   76  C C2    . DI  A 1 4  ? 7.238   4.769   3.499   1.00 10.00 ? 4  DI  A C2    1 
ATOM   77  N N3    . DI  A 1 4  ? 8.137   3.797   3.565   1.00 10.00 ? 4  DI  A N3    1 
ATOM   78  C C4    . DI  A 1 4  ? 8.386   3.264   2.347   1.00 10.00 ? 4  DI  A C4    1 
ATOM   79  P P     . DA  A 1 5  ? 10.319  -1.111  5.888   1.00 10.00 ? 5  DA  A P     1 
ATOM   80  O OP1   . DA  A 1 5  ? 10.654  -1.183  7.330   1.00 10.00 ? 5  DA  A OP1   1 
ATOM   81  O OP2   . DA  A 1 5  ? 10.021  -2.379  5.201   1.00 10.00 ? 5  DA  A OP2   1 
ATOM   82  O "O5'" . DA  A 1 5  ? 9.102   -0.066  5.695   1.00 10.00 ? 5  DA  A "O5'" 1 
ATOM   83  C "C5'" . DA  A 1 5  ? 9.229   1.211   6.404   1.00 10.00 ? 5  DA  A "C5'" 1 
ATOM   84  C "C4'" . DA  A 1 5  ? 7.991   1.455   7.204   1.00 10.00 ? 5  DA  A "C4'" 1 
ATOM   85  O "O4'" . DA  A 1 5  ? 7.006   2.106   6.358   1.00 10.00 ? 5  DA  A "O4'" 1 
ATOM   86  C "C3'" . DA  A 1 5  ? 7.237   0.260   7.793   1.00 10.00 ? 5  DA  A "C3'" 1 
ATOM   87  O "O3'" . DA  A 1 5  ? 6.519   0.655   8.961   1.00 10.00 ? 5  DA  A "O3'" 1 
ATOM   88  C "C2'" . DA  A 1 5  ? 6.379   -0.162  6.614   1.00 10.00 ? 5  DA  A "C2'" 1 
ATOM   89  C "C1'" . DA  A 1 5  ? 5.987   1.162   6.007   1.00 10.00 ? 5  DA  A "C1'" 1 
ATOM   90  N N9    . DA  A 1 5  ? 5.869   1.185   4.528   1.00 10.00 ? 5  DA  A N9    1 
ATOM   91  C C8    . DA  A 1 5  ? 6.577   0.489   3.587   1.00 10.00 ? 5  DA  A C8    1 
ATOM   92  N N7    . DA  A 1 5  ? 6.218   0.745   2.352   1.00 10.00 ? 5  DA  A N7    1 
ATOM   93  C C5    . DA  A 1 5  ? 5.219   1.698   2.493   1.00 10.00 ? 5  DA  A C5    1 
ATOM   94  C C6    . DA  A 1 5  ? 4.435   2.382   1.551   1.00 10.00 ? 5  DA  A C6    1 
ATOM   95  N N6    . DA  A 1 5  ? 4.517   2.227   0.226   1.00 10.00 ? 5  DA  A N6    1 
ATOM   96  N N1    . DA  A 1 5  ? 3.533   3.251   2.045   1.00 10.00 ? 5  DA  A N1    1 
ATOM   97  C C2    . DA  A 1 5  ? 3.399   3.445   3.358   1.00 10.00 ? 5  DA  A C2    1 
ATOM   98  N N3    . DA  A 1 5  ? 4.100   2.846   4.334   1.00 10.00 ? 5  DA  A N3    1 
ATOM   99  C C4    . DA  A 1 5  ? 4.999   1.985   3.830   1.00 10.00 ? 5  DA  A C4    1 
ATOM   100 P P     . DA  A 1 6  ? 5.283   -0.195  9.530   1.00 10.00 ? 6  DA  A P     1 
ATOM   101 O OP1   . DA  A 1 6  ? 5.098   0.095   10.973  1.00 10.00 ? 6  DA  A OP1   1 
ATOM   102 O OP2   . DA  A 1 6  ? 5.469   -1.610  9.154   1.00 10.00 ? 6  DA  A OP2   1 
ATOM   103 O "O5'" . DA  A 1 6  ? 4.047   0.469   8.719   1.00 10.00 ? 6  DA  A "O5'" 1 
ATOM   104 C "C5'" . DA  A 1 6  ? 3.783   1.870   9.065   1.00 10.00 ? 6  DA  A "C5'" 1 
ATOM   105 C "C4'" . DA  A 1 6  ? 2.370   2.171   8.657   1.00 10.00 ? 6  DA  A "C4'" 1 
ATOM   106 O "O4'" . DA  A 1 6  ? 2.297   2.134   7.226   1.00 10.00 ? 6  DA  A "O4'" 1 
ATOM   107 C "C3'" . DA  A 1 6  ? 1.268   1.249   9.183   1.00 10.00 ? 6  DA  A "C3'" 1 
ATOM   108 O "O3'" . DA  A 1 6  ? 0.184   2.028   9.707   1.00 10.00 ? 6  DA  A "O3'" 1 
ATOM   109 C "C2'" . DA  A 1 6  ? 0.937   0.379   7.986   1.00 10.00 ? 6  DA  A "C2'" 1 
ATOM   110 C "C1'" . DA  A 1 6  ? 1.190   1.283   6.826   1.00 10.00 ? 6  DA  A "C1'" 1 
ATOM   111 N N9    . DA  A 1 6  ? 1.646   0.675   5.564   1.00 10.00 ? 6  DA  A N9    1 
ATOM   112 C C8    . DA  A 1 6  ? 2.485   -0.373  5.352   1.00 10.00 ? 6  DA  A C8    1 
ATOM   113 N N7    . DA  A 1 6  ? 2.712   -0.620  4.073   1.00 10.00 ? 6  DA  A N7    1 
ATOM   114 C C5    . DA  A 1 6  ? 1.990   0.360   3.406   1.00 10.00 ? 6  DA  A C5    1 
ATOM   115 C C6    . DA  A 1 6  ? 1.819   0.643   2.041   1.00 10.00 ? 6  DA  A C6    1 
ATOM   116 N N6    . DA  A 1 6  ? 2.390   -0.026  1.030   1.00 10.00 ? 6  DA  A N6    1 
ATOM   117 N N1    . DA  A 1 6  ? 1.039   1.701   1.739   1.00 10.00 ? 6  DA  A N1    1 
ATOM   118 C C2    . DA  A 1 6  ? 0.445   2.400   2.699   1.00 10.00 ? 6  DA  A C2    1 
ATOM   119 N N3    . DA  A 1 6  ? 0.546   2.228   4.031   1.00 10.00 ? 6  DA  A N3    1 
ATOM   120 C C4    . DA  A 1 6  ? 1.340   1.178   4.312   1.00 10.00 ? 6  DA  A C4    1 
ATOM   121 P P     . DT  A 1 7  ? -1.298  1.491   9.918   1.00 10.00 ? 7  DT  A P     1 
ATOM   122 O OP1   . DT  A 1 7  ? -2.078  2.474   10.713  1.00 10.00 ? 7  DT  A OP1   1 
ATOM   123 O OP2   . DT  A 1 7  ? -1.251  0.115   10.493  1.00 10.00 ? 7  DT  A OP2   1 
ATOM   124 O "O5'" . DT  A 1 7  ? -1.831  1.447   8.401   1.00 10.00 ? 7  DT  A "O5'" 1 
ATOM   125 C "C5'" . DT  A 1 7  ? -2.522  2.593   7.845   1.00 10.00 ? 7  DT  A "C5'" 1 
ATOM   126 C "C4'" . DT  A 1 7  ? -3.322  2.152   6.633   1.00 10.00 ? 7  DT  A "C4'" 1 
ATOM   127 O "O4'" . DT  A 1 7  ? -2.384  1.636   5.669   1.00 10.00 ? 7  DT  A "O4'" 1 
ATOM   128 C "C3'" . DT  A 1 7  ? -4.319  1.026   6.869   1.00 10.00 ? 7  DT  A "C3'" 1 
ATOM   129 O "O3'" . DT  A 1 7  ? -5.597  1.457   7.274   1.00 10.00 ? 7  DT  A "O3'" 1 
ATOM   130 C "C2'" . DT  A 1 7  ? -4.266  0.192   5.614   1.00 10.00 ? 7  DT  A "C2'" 1 
ATOM   131 C "C1'" . DT  A 1 7  ? -3.121  0.728   4.830   1.00 10.00 ? 7  DT  A "C1'" 1 
ATOM   132 N N1    . DT  A 1 7  ? -2.185  -0.269  4.289   1.00 10.00 ? 7  DT  A N1    1 
ATOM   133 C C2    . DT  A 1 7  ? -2.029  -0.301  2.917   1.00 10.00 ? 7  DT  A C2    1 
ATOM   134 O O2    . DT  A 1 7  ? -2.637  0.425   2.147   1.00 10.00 ? 7  DT  A O2    1 
ATOM   135 N N3    . DT  A 1 7  ? -1.135  -1.241  2.472   1.00 10.00 ? 7  DT  A N3    1 
ATOM   136 C C4    . DT  A 1 7  ? -0.409  -2.140  3.214   1.00 10.00 ? 7  DT  A C4    1 
ATOM   137 O O4    . DT  A 1 7  ? 0.369   -2.909  2.639   1.00 10.00 ? 7  DT  A O4    1 
ATOM   138 C C5    . DT  A 1 7  ? -0.625  -2.037  4.637   1.00 10.00 ? 7  DT  A C5    1 
ATOM   139 C C7    . DT  A 1 7  ? 0.131   -2.954  5.549   1.00 10.00 ? 7  DT  A C7    1 
ATOM   140 C C6    . DT  A 1 7  ? -1.472  -1.127  5.105   1.00 10.00 ? 7  DT  A C6    1 
ATOM   141 P P     . DT  A 1 8  ? -6.762  2.167   6.503   1.00 10.00 ? 8  DT  A P     1 
ATOM   142 O OP1   . DT  A 1 8  ? -6.598  3.652   6.615   1.00 10.00 ? 8  DT  A OP1   1 
ATOM   143 O OP2   . DT  A 1 8  ? -8.085  1.722   7.024   1.00 10.00 ? 8  DT  A OP2   1 
ATOM   144 O "O5'" . DT  A 1 8  ? -6.642  1.701   4.961   1.00 10.00 ? 8  DT  A "O5'" 1 
ATOM   145 C "C5'" . DT  A 1 8  ? -7.356  2.437   3.945   1.00 10.00 ? 8  DT  A "C5'" 1 
ATOM   146 C "C4'" . DT  A 1 8  ? -7.499  1.728   2.644   1.00 10.00 ? 8  DT  A "C4'" 1 
ATOM   147 O "O4'" . DT  A 1 8  ? -6.265  1.065   2.297   1.00 10.00 ? 8  DT  A "O4'" 1 
ATOM   148 C "C3'" . DT  A 1 8  ? -8.593  0.670   2.546   1.00 10.00 ? 8  DT  A "C3'" 1 
ATOM   149 O "O3'" . DT  A 1 8  ? -9.885  1.166   2.278   1.00 10.00 ? 8  DT  A "O3'" 1 
ATOM   150 C "C2'" . DT  A 1 8  ? -8.041  -0.302  1.542   1.00 10.00 ? 8  DT  A "C2'" 1 
ATOM   151 C "C1'" . DT  A 1 8  ? -6.578  -0.070  1.458   1.00 10.00 ? 8  DT  A "C1'" 1 
ATOM   152 N N1    . DT  A 1 8  ? -5.703  -1.173  1.882   1.00 10.00 ? 8  DT  A N1    1 
ATOM   153 C C2    . DT  A 1 8  ? -4.890  -1.758  0.927   1.00 10.00 ? 8  DT  A C2    1 
ATOM   154 O O2    . DT  A 1 8  ? -4.894  -1.447  -0.243  1.00 10.00 ? 8  DT  A O2    1 
ATOM   155 N N3    . DT  A 1 8  ? -4.080  -2.756  1.401   1.00 10.00 ? 8  DT  A N3    1 
ATOM   156 C C4    . DT  A 1 8  ? -3.985  -3.220  2.697   1.00 10.00 ? 8  DT  A C4    1 
ATOM   157 O O4    . DT  A 1 8  ? -3.184  -4.114  2.955   1.00 10.00 ? 8  DT  A O4    1 
ATOM   158 C C5    . DT  A 1 8  ? -4.857  -2.553  3.631   1.00 10.00 ? 8  DT  A C5    1 
ATOM   159 C C7    . DT  A 1 8  ? -4.847  -2.967  5.073   1.00 10.00 ? 8  DT  A C7    1 
ATOM   160 C C6    . DT  A 1 8  ? -5.657  -1.580  3.196   1.00 10.00 ? 8  DT  A C6    1 
ATOM   161 P P     . DA  A 1 9  ? -10.596 1.798   1.023   1.00 10.00 ? 9  DA  A P     1 
ATOM   162 O OP1   . DA  A 1 9  ? -10.188 3.218   0.788   1.00 10.00 ? 9  DA  A OP1   1 
ATOM   163 O OP2   . DA  A 1 9  ? -12.088 1.654   1.214   1.00 10.00 ? 9  DA  A OP2   1 
ATOM   164 O "O5'" . DA  A 1 9  ? -10.165 0.932   -0.229  1.00 10.00 ? 9  DA  A "O5'" 1 
ATOM   165 C "C5'" . DA  A 1 9  ? -9.468  1.476   -1.368  1.00 10.00 ? 9  DA  A "C5'" 1 
ATOM   166 C "C4'" . DA  A 1 9  ? -9.365  0.401   -2.414  1.00 10.00 ? 9  DA  A "C4'" 1 
ATOM   167 O "O4'" . DA  A 1 9  ? -8.467  -0.635  -2.025  1.00 10.00 ? 9  DA  A "O4'" 1 
ATOM   168 C "C3'" . DA  A 1 9  ? -10.688 -0.280  -2.778  1.00 10.00 ? 9  DA  A "C3'" 1 
ATOM   169 O "O3'" . DA  A 1 9  ? -10.962 0.016   -4.160  1.00 10.00 ? 9  DA  A "O3'" 1 
ATOM   170 C "C2'" . DA  A 1 9  ? -10.487 -1.732  -2.407  1.00 10.00 ? 9  DA  A "C2'" 1 
ATOM   171 C "C1'" . DA  A 1 9  ? -9.006  -1.927  -2.493  1.00 10.00 ? 9  DA  A "C1'" 1 
ATOM   172 N N9    . DA  A 1 9  ? -8.316  -2.969  -1.661  1.00 10.00 ? 9  DA  A N9    1 
ATOM   173 C C8    . DA  A 1 9  ? -7.272  -3.802  -2.004  1.00 10.00 ? 9  DA  A C8    1 
ATOM   174 N N7    . DA  A 1 9  ? -6.840  -4.549  -1.012  1.00 10.00 ? 9  DA  A N7    1 
ATOM   175 C C5    . DA  A 1 9  ? -7.646  -4.174  0.054   1.00 10.00 ? 9  DA  A C5    1 
ATOM   176 C C6    . DA  A 1 9  ? -7.708  -4.618  1.395   1.00 10.00 ? 9  DA  A C6    1 
ATOM   177 N N6    . DA  A 1 9  ? -6.906  -5.563  1.898   1.00 10.00 ? 9  DA  A N6    1 
ATOM   178 N N1    . DA  A 1 9  ? -8.622  -4.032  2.198   1.00 10.00 ? 9  DA  A N1    1 
ATOM   179 C C2    . DA  A 1 9  ? -9.424  -3.092  1.691   1.00 10.00 ? 9  DA  A C2    1 
ATOM   180 N N3    . DA  A 1 9  ? -9.462  -2.609  0.452   1.00 10.00 ? 9  DA  A N3    1 
ATOM   181 C C4    . DA  A 1 9  ? -8.534  -3.193  -0.324  1.00 10.00 ? 9  DA  A C4    1 
ATOM   182 P P     . DG  A 1 10 ? -12.327 -0.437  -4.833  1.00 10.00 ? 10 DG  A P     1 
ATOM   183 O OP1   . DG  A 1 10 ? -12.593 0.402   -6.029  1.00 10.00 ? 10 DG  A OP1   1 
ATOM   184 O OP2   . DG  A 1 10 ? -13.400 -0.510  -3.822  1.00 10.00 ? 10 DG  A OP2   1 
ATOM   185 O "O5'" . DG  A 1 10 ? -11.933 -1.923  -5.327  1.00 10.00 ? 10 DG  A "O5'" 1 
ATOM   186 C "C5'" . DG  A 1 10 ? -10.884 -2.074  -6.321  1.00 10.00 ? 10 DG  A "C5'" 1 
ATOM   187 C "C4'" . DG  A 1 10 ? -10.730 -3.559  -6.590  1.00 10.00 ? 10 DG  A "C4'" 1 
ATOM   188 O "O4'" . DG  A 1 10 ? -10.141 -4.143  -5.394  1.00 10.00 ? 10 DG  A "O4'" 1 
ATOM   189 C "C3'" . DG  A 1 10 ? -11.994 -4.355  -6.896  1.00 10.00 ? 10 DG  A "C3'" 1 
ATOM   190 O "O3'" . DG  A 1 10 ? -11.834 -5.480  -7.725  1.00 10.00 ? 10 DG  A "O3'" 1 
ATOM   191 C "C2'" . DG  A 1 10 ? -12.386 -4.800  -5.458  1.00 10.00 ? 10 DG  A "C2'" 1 
ATOM   192 C "C1'" . DG  A 1 10 ? -11.004 -5.229  -4.981  1.00 10.00 ? 10 DG  A "C1'" 1 
ATOM   193 N N9    . DG  A 1 10 ? -10.848 -5.476  -3.546  1.00 10.00 ? 10 DG  A N9    1 
ATOM   194 C C8    . DG  A 1 10 ? -11.547 -4.961  -2.477  1.00 10.00 ? 10 DG  A C8    1 
ATOM   195 N N7    . DG  A 1 10 ? -11.166 -5.419  -1.329  1.00 10.00 ? 10 DG  A N7    1 
ATOM   196 C C5    . DG  A 1 10 ? -10.129 -6.291  -1.642  1.00 10.00 ? 10 DG  A C5    1 
ATOM   197 C C6    . DG  A 1 10 ? -9.310  -7.068  -0.788  1.00 10.00 ? 10 DG  A C6    1 
ATOM   198 O O6    . DG  A 1 10 ? -9.361  -7.130  0.446   1.00 10.00 ? 10 DG  A O6    1 
ATOM   199 N N1    . DG  A 1 10 ? -8.366  -7.800  -1.493  1.00 10.00 ? 10 DG  A N1    1 
ATOM   200 C C2    . DG  A 1 10 ? -8.224  -7.782  -2.859  1.00 10.00 ? 10 DG  A C2    1 
ATOM   201 N N2    . DG  A 1 10 ? -7.254  -8.566  -3.362  1.00 10.00 ? 10 DG  A N2    1 
ATOM   202 N N3    . DG  A 1 10 ? -8.981  -7.058  -3.676  1.00 10.00 ? 10 DG  A N3    1 
ATOM   203 C C4    . DG  A 1 10 ? -9.909  -6.340  -2.995  1.00 10.00 ? 10 DG  A C4    1 
ATOM   204 P P     . DC  A 1 11 ? -11.773 -5.640  -9.282  1.00 10.00 ? 11 DC  A P     1 
ATOM   205 O OP1   . DC  A 1 11 ? -11.157 -4.465  -9.958  1.00 10.00 ? 11 DC  A OP1   1 
ATOM   206 O OP2   . DC  A 1 11 ? -13.095 -6.060  -9.811  1.00 10.00 ? 11 DC  A OP2   1 
ATOM   207 O "O5'" . DC  A 1 11 ? -10.752 -6.892  -9.460  1.00 10.00 ? 11 DC  A "O5'" 1 
ATOM   208 C "C5'" . DC  A 1 11 ? -9.420  -6.685  -8.979  1.00 10.00 ? 11 DC  A "C5'" 1 
ATOM   209 C "C4'" . DC  A 1 11 ? -8.560  -7.842  -9.042  1.00 10.00 ? 11 DC  A "C4'" 1 
ATOM   210 O "O4'" . DC  A 1 11 ? -8.222  -8.424  -7.758  1.00 10.00 ? 11 DC  A "O4'" 1 
ATOM   211 C "C3'" . DC  A 1 11 ? -8.957  -9.043  -9.911  1.00 10.00 ? 11 DC  A "C3'" 1 
ATOM   212 O "O3'" . DC  A 1 11 ? -7.784  -9.532  -10.556 1.00 10.00 ? 11 DC  A "O3'" 1 
ATOM   213 C "C2'" . DC  A 1 11 ? -9.597  -9.980  -8.920  1.00 10.00 ? 11 DC  A "C2'" 1 
ATOM   214 C "C1'" . DC  A 1 11 ? -8.943  -9.660  -7.608  1.00 10.00 ? 11 DC  A "C1'" 1 
ATOM   215 N N1    . DC  A 1 11 ? -9.814  -9.477  -6.441  1.00 10.00 ? 11 DC  A N1    1 
ATOM   216 C C2    . DC  A 1 11 ? -9.456  -10.142 -5.257  1.00 10.00 ? 11 DC  A C2    1 
ATOM   217 O O2    . DC  A 1 11 ? -8.434  -10.840 -5.257  1.00 10.00 ? 11 DC  A O2    1 
ATOM   218 N N3    . DC  A 1 11 ? -10.247 -9.990  -4.177  1.00 10.00 ? 11 DC  A N3    1 
ATOM   219 C C4    . DC  A 1 11 ? -11.321 -9.209  -4.230  1.00 10.00 ? 11 DC  A C4    1 
ATOM   220 N N4    . DC  A 1 11 ? -12.068 -9.070  -3.119  1.00 10.00 ? 11 DC  A N4    1 
ATOM   221 C C5    . DC  A 1 11 ? -11.676 -8.512  -5.426  1.00 10.00 ? 11 DC  A C5    1 
ATOM   222 C C6    . DC  A 1 11 ? -10.891 -8.651  -6.481  1.00 10.00 ? 11 DC  A C6    1 
ATOM   223 P P     . DG  A 1 12 ? -7.662  -10.825 -11.445 1.00 10.00 ? 12 DG  A P     1 
ATOM   224 O OP1   . DG  A 1 12 ? -6.236  -10.990 -11.882 1.00 10.00 ? 12 DG  A OP1   1 
ATOM   225 O OP2   . DG  A 1 12 ? -8.640  -10.767 -12.573 1.00 10.00 ? 12 DG  A OP2   1 
ATOM   226 O "O5'" . DG  A 1 12 ? -8.066  -12.032 -10.463 1.00 10.00 ? 12 DG  A "O5'" 1 
ATOM   227 C "C5'" . DG  A 1 12 ? -7.102  -13.018 -10.036 1.00 10.00 ? 12 DG  A "C5'" 1 
ATOM   228 C "C4'" . DG  A 1 12 ? -7.790  -14.085 -9.233  1.00 10.00 ? 12 DG  A "C4'" 1 
ATOM   229 O "O4'" . DG  A 1 12 ? -8.639  -13.437 -8.258  1.00 10.00 ? 12 DG  A "O4'" 1 
ATOM   230 C "C3'" . DG  A 1 12 ? -8.717  -15.039 -9.956  1.00 10.00 ? 12 DG  A "C3'" 1 
ATOM   231 O "O3'" . DG  A 1 12 ? -8.021  -16.234 -10.389 1.00 10.00 ? 12 DG  A "O3'" 1 
ATOM   232 C "C2'" . DG  A 1 12 ? -9.839  -15.326 -8.973  1.00 10.00 ? 12 DG  A "C2'" 1 
ATOM   233 C "C1'" . DG  A 1 12 ? -9.529  -14.484 -7.776  1.00 10.00 ? 12 DG  A "C1'" 1 
ATOM   234 N N9    . DG  A 1 12 ? -10.659 -13.766 -7.175  1.00 10.00 ? 12 DG  A N9    1 
ATOM   235 C C8    . DG  A 1 12 ? -11.555 -12.932 -7.802  1.00 10.00 ? 12 DG  A C8    1 
ATOM   236 N N7    . DG  A 1 12 ? -12.421 -12.401 -6.990  1.00 10.00 ? 12 DG  A N7    1 
ATOM   237 C C5    . DG  A 1 12 ? -12.057 -12.888 -5.740  1.00 10.00 ? 12 DG  A C5    1 
ATOM   238 C C6    . DG  A 1 12 ? -12.647 -12.666 -4.477  1.00 10.00 ? 12 DG  A C6    1 
ATOM   239 O O6    . DG  A 1 12 ? -13.641 -11.956 -4.237  1.00 10.00 ? 12 DG  A O6    1 
ATOM   240 N N1    . DG  A 1 12 ? -11.995 -13.368 -3.466  1.00 10.00 ? 12 DG  A N1    1 
ATOM   241 C C2    . DG  A 1 12 ? -10.896 -14.164 -3.653  1.00 10.00 ? 12 DG  A C2    1 
ATOM   242 N N2    . DG  A 1 12 ? -10.410 -14.773 -2.563  1.00 10.00 ? 12 DG  A N2    1 
ATOM   243 N N3    . DG  A 1 12 ? -10.324 -14.384 -4.838  1.00 10.00 ? 12 DG  A N3    1 
ATOM   244 C C4    . DG  A 1 12 ? -10.963 -13.717 -5.831  1.00 10.00 ? 12 DG  A C4    1 
ATOM   245 O "O5'" . DC  B 1 1  ? -15.720 -15.717 3.397   1.00 10.00 ? 13 DC  B "O5'" 1 
ATOM   246 C "C5'" . DC  B 1 1  ? -14.850 -15.032 4.356   1.00 10.00 ? 13 DC  B "C5'" 1 
ATOM   247 C "C4'" . DC  B 1 1  ? -13.498 -15.688 4.278   1.00 10.00 ? 13 DC  B "C4'" 1 
ATOM   248 O "O4'" . DC  B 1 1  ? -13.075 -15.691 2.892   1.00 10.00 ? 13 DC  B "O4'" 1 
ATOM   249 C "C3'" . DC  B 1 1  ? -12.327 -15.071 5.022   1.00 10.00 ? 13 DC  B "C3'" 1 
ATOM   250 O "O3'" . DC  B 1 1  ? -11.281 -16.043 5.211   1.00 10.00 ? 13 DC  B "O3'" 1 
ATOM   251 C "C2'" . DC  B 1 1  ? -11.908 -13.963 4.064   1.00 10.00 ? 13 DC  B "C2'" 1 
ATOM   252 C "C1'" . DC  B 1 1  ? -12.128 -14.601 2.721   1.00 10.00 ? 13 DC  B "C1'" 1 
ATOM   253 N N1    . DC  B 1 1  ? -12.725 -13.818 1.645   1.00 10.00 ? 13 DC  B N1    1 
ATOM   254 C C2    . DC  B 1 1  ? -12.302 -14.110 0.325   1.00 10.00 ? 13 DC  B C2    1 
ATOM   255 O O2    . DC  B 1 1  ? -11.403 -14.955 0.157   1.00 10.00 ? 13 DC  B O2    1 
ATOM   256 N N3    . DC  B 1 1  ? -12.877 -13.443 -0.709  1.00 10.00 ? 13 DC  B N3    1 
ATOM   257 C C4    . DC  B 1 1  ? -13.838 -12.559 -0.463  1.00 10.00 ? 13 DC  B C4    1 
ATOM   258 N N4    . DC  B 1 1  ? -14.397 -11.917 -1.485  1.00 10.00 ? 13 DC  B N4    1 
ATOM   259 C C5    . DC  B 1 1  ? -14.292 -12.288 0.857   1.00 10.00 ? 13 DC  B C5    1 
ATOM   260 C C6    . DC  B 1 1  ? -13.736 -12.948 1.863   1.00 10.00 ? 13 DC  B C6    1 
ATOM   261 P P     . DG  B 1 2  ? -9.869  -15.669 5.835   1.00 10.00 ? 14 DG  B P     1 
ATOM   262 O OP1   . DG  B 1 2  ? -9.484  -16.745 6.804   1.00 10.00 ? 14 DG  B OP1   1 
ATOM   263 O OP2   . DG  B 1 2  ? -9.912  -14.285 6.397   1.00 10.00 ? 14 DG  B OP2   1 
ATOM   264 O "O5'" . DG  B 1 2  ? -8.870  -15.673 4.601   1.00 10.00 ? 14 DG  B "O5'" 1 
ATOM   265 C "C5'" . DG  B 1 2  ? -8.363  -16.914 4.059   1.00 10.00 ? 14 DG  B "C5'" 1 
ATOM   266 C "C4'" . DG  B 1 2  ? -7.436  -16.493 2.925   1.00 10.00 ? 14 DG  B "C4'" 1 
ATOM   267 O "O4'" . DG  B 1 2  ? -8.224  -15.722 1.990   1.00 10.00 ? 14 DG  B "O4'" 1 
ATOM   268 C "C3'" . DG  B 1 2  ? -6.284  -15.619 3.373   1.00 10.00 ? 14 DG  B "C3'" 1 
ATOM   269 O "O3'" . DG  B 1 2  ? -5.010  -16.032 2.871   1.00 10.00 ? 14 DG  B "O3'" 1 
ATOM   270 C "C2'" . DG  B 1 2  ? -6.635  -14.230 2.889   1.00 10.00 ? 14 DG  B "C2'" 1 
ATOM   271 C "C1'" . DG  B 1 2  ? -7.514  -14.539 1.676   1.00 10.00 ? 14 DG  B "C1'" 1 
ATOM   272 N N9    . DG  B 1 2  ? -8.401  -13.410 1.384   1.00 10.00 ? 14 DG  B N9    1 
ATOM   273 C C8    . DG  B 1 2  ? -9.170  -12.641 2.235   1.00 10.00 ? 14 DG  B C8    1 
ATOM   274 N N7    . DG  B 1 2  ? -9.793  -11.673 1.643   1.00 10.00 ? 14 DG  B N7    1 
ATOM   275 C C5    . DG  B 1 2  ? -9.425  -11.789 0.308   1.00 10.00 ? 14 DG  B C5    1 
ATOM   276 C C6    . DG  B 1 2  ? -9.798  -11.011 -0.806  1.00 10.00 ? 14 DG  B C6    1 
ATOM   277 O O6    . DG  B 1 2  ? -10.567 -10.040 -0.839  1.00 10.00 ? 14 DG  B O6    1 
ATOM   278 N N1    . DG  B 1 2  ? -9.190  -11.461 -1.966  1.00 10.00 ? 14 DG  B N1    1 
ATOM   279 C C2    . DG  B 1 2  ? -8.340  -12.533 -2.055  1.00 10.00 ? 14 DG  B C2    1 
ATOM   280 N N2    . DG  B 1 2  ? -7.836  -12.823 -3.260  1.00 10.00 ? 14 DG  B N2    1 
ATOM   281 N N3    . DG  B 1 2  ? -7.992  -13.283 -1.016  1.00 10.00 ? 14 DG  B N3    1 
ATOM   282 C C4    . DG  B 1 2  ? -8.567  -12.849 0.131   1.00 10.00 ? 14 DG  B C4    1 
ATOM   283 P P     . DC  B 1 3  ? -3.680  -15.298 3.341   1.00 10.00 ? 15 DC  B P     1 
ATOM   284 O OP1   . DC  B 1 3  ? -2.838  -16.329 4.043   1.00 10.00 ? 15 DC  B OP1   1 
ATOM   285 O OP2   . DC  B 1 3  ? -3.998  -14.085 4.144   1.00 10.00 ? 15 DC  B OP2   1 
ATOM   286 O "O5'" . DC  B 1 3  ? -2.930  -14.914 2.009   1.00 10.00 ? 15 DC  B "O5'" 1 
ATOM   287 C "C5'" . DC  B 1 3  ? -3.102  -15.509 0.715   1.00 10.00 ? 15 DC  B "C5'" 1 
ATOM   288 C "C4'" . DC  B 1 3  ? -3.309  -14.323 -0.221  1.00 10.00 ? 15 DC  B "C4'" 1 
ATOM   289 O "O4'" . DC  B 1 3  ? -4.497  -13.624 0.293   1.00 10.00 ? 15 DC  B "O4'" 1 
ATOM   290 C "C3'" . DC  B 1 3  ? -2.241  -13.251 -0.208  1.00 10.00 ? 15 DC  B "C3'" 1 
ATOM   291 O "O3'" . DC  B 1 3  ? -1.120  -13.511 -1.071  1.00 10.00 ? 15 DC  B "O3'" 1 
ATOM   292 C "C2'" . DC  B 1 3  ? -2.985  -11.979 -0.513  1.00 10.00 ? 15 DC  B "C2'" 1 
ATOM   293 C "C1'" . DC  B 1 3  ? -4.441  -12.330 -0.374  1.00 10.00 ? 15 DC  B "C1'" 1 
ATOM   294 N N1    . DC  B 1 3  ? -5.251  -11.336 0.318   1.00 10.00 ? 15 DC  B N1    1 
ATOM   295 C C2    . DC  B 1 3  ? -5.944  -10.385 -0.454  1.00 10.00 ? 15 DC  B C2    1 
ATOM   296 O O2    . DC  B 1 3  ? -5.815  -10.419 -1.687  1.00 10.00 ? 15 DC  B O2    1 
ATOM   297 N N3    . DC  B 1 3  ? -6.717  -9.469  0.185   1.00 10.00 ? 15 DC  B N3    1 
ATOM   298 C C4    . DC  B 1 3  ? -6.819  -9.492  1.510   1.00 10.00 ? 15 DC  B C4    1 
ATOM   299 N N4    . DC  B 1 3  ? -7.578  -8.586  2.124   1.00 10.00 ? 15 DC  B N4    1 
ATOM   300 C C5    . DC  B 1 3  ? -6.125  -10.457 2.302   1.00 10.00 ? 15 DC  B C5    1 
ATOM   301 C C6    . DC  B 1 3  ? -5.359  -11.335 1.676   1.00 10.00 ? 15 DC  B C6    1 
ATOM   302 P P     . DI  B 1 4  ? 0.314   -12.853 -0.772  1.00 10.00 ? 16 DI  B P     1 
ATOM   303 O OP1   . DI  B 1 4  ? 1.360   -13.898 -0.626  1.00 10.00 ? 16 DI  B OP1   1 
ATOM   304 O OP2   . DI  B 1 4  ? 0.209   -11.927 0.396   1.00 10.00 ? 16 DI  B OP2   1 
ATOM   305 O "O5'" . DI  B 1 4  ? 0.660   -12.020 -2.093  1.00 10.00 ? 16 DI  B "O5'" 1 
ATOM   306 C "C5'" . DI  B 1 4  ? 0.213   -12.459 -3.403  1.00 10.00 ? 16 DI  B "C5'" 1 
ATOM   307 C "C4'" . DI  B 1 4  ? -0.456  -11.248 -4.025  1.00 10.00 ? 16 DI  B "C4'" 1 
ATOM   308 O "O4'" . DI  B 1 4  ? -1.436  -10.772 -3.109  1.00 10.00 ? 16 DI  B "O4'" 1 
ATOM   309 C "C3'" . DI  B 1 4  ? 0.481   -10.077 -4.319  1.00 10.00 ? 16 DI  B "C3'" 1 
ATOM   310 O "O3'" . DI  B 1 4  ? 0.796   -10.053 -5.721  1.00 10.00 ? 16 DI  B "O3'" 1 
ATOM   311 C "C2'" . DI  B 1 4  ? -0.227  -8.858  -3.798  1.00 10.00 ? 16 DI  B "C2'" 1 
ATOM   312 C "C1'" . DI  B 1 4  ? -1.541  -9.324  -3.294  1.00 10.00 ? 16 DI  B "C1'" 1 
ATOM   313 N N9    . DI  B 1 4  ? -1.959  -8.817  -1.979  1.00 10.00 ? 16 DI  B N9    1 
ATOM   314 C C8    . DI  B 1 4  ? -1.430  -9.112  -0.746  1.00 10.00 ? 16 DI  B C8    1 
ATOM   315 N N7    . DI  B 1 4  ? -2.056  -8.531  0.234   1.00 10.00 ? 16 DI  B N7    1 
ATOM   316 C C5    . DI  B 1 4  ? -3.085  -7.825  -0.388  1.00 10.00 ? 16 DI  B C5    1 
ATOM   317 C C6    . DI  B 1 4  ? -4.083  -6.997  0.175   1.00 10.00 ? 16 DI  B C6    1 
ATOM   318 O O6    . DI  B 1 4  ? -4.285  -6.739  1.373   1.00 10.00 ? 16 DI  B O6    1 
ATOM   319 N N1    . DI  B 1 4  ? -4.910  -6.449  -0.802  1.00 10.00 ? 16 DI  B N1    1 
ATOM   320 C C2    . DI  B 1 4  ? -4.789  -6.682  -2.148  1.00 10.00 ? 16 DI  B C2    1 
ATOM   321 N N3    . DI  B 1 4  ? -3.848  -7.457  -2.685  1.00 10.00 ? 16 DI  B N3    1 
ATOM   322 C C4    . DI  B 1 4  ? -3.044  -8.000  -1.746  1.00 10.00 ? 16 DI  B C4    1 
ATOM   323 P P     . DA  B 1 5  ? 1.476   -8.826  -6.475  1.00 10.00 ? 17 DA  B P     1 
ATOM   324 O OP1   . DA  B 1 5  ? 1.799   -9.165  -7.886  1.00 10.00 ? 17 DA  B OP1   1 
ATOM   325 O OP2   . DA  B 1 5  ? 2.631   -8.361  -5.666  1.00 10.00 ? 17 DA  B OP2   1 
ATOM   326 O "O5'" . DA  B 1 5  ? 0.312   -7.728  -6.438  1.00 10.00 ? 17 DA  B "O5'" 1 
ATOM   327 C "C5'" . DA  B 1 5  ? -0.726  -7.744  -7.450  1.00 10.00 ? 17 DA  B "C5'" 1 
ATOM   328 C "C4'" . DA  B 1 5  ? -1.288  -6.344  -7.484  1.00 10.00 ? 17 DA  B "C4'" 1 
ATOM   329 O "O4'" . DA  B 1 5  ? -1.843  -6.029  -6.216  1.00 10.00 ? 17 DA  B "O4'" 1 
ATOM   330 C "C3'" . DA  B 1 5  ? -0.237  -5.260  -7.806  1.00 10.00 ? 17 DA  B "C3'" 1 
ATOM   331 O "O3'" . DA  B 1 5  ? -0.668  -4.580  -8.962  1.00 10.00 ? 17 DA  B "O3'" 1 
ATOM   332 C "C2'" . DA  B 1 5  ? -0.015  -4.573  -6.501  1.00 10.00 ? 17 DA  B "C2'" 1 
ATOM   333 C "C1'" . DA  B 1 5  ? -1.243  -4.847  -5.664  1.00 10.00 ? 17 DA  B "C1'" 1 
ATOM   334 N N9    . DA  B 1 5  ? -1.063  -5.018  -4.199  1.00 10.00 ? 17 DA  B N9    1 
ATOM   335 C C8    . DA  B 1 5  ? -0.072  -5.621  -3.480  1.00 10.00 ? 17 DA  B C8    1 
ATOM   336 N N7    . DA  B 1 5  ? -0.224  -5.545  -2.175  1.00 10.00 ? 17 DA  B N7    1 
ATOM   337 C C5    . DA  B 1 5  ? -1.405  -4.845  -2.020  1.00 10.00 ? 17 DA  B C5    1 
ATOM   338 C C6    . DA  B 1 5  ? -2.125  -4.443  -0.878  1.00 10.00 ? 17 DA  B C6    1 
ATOM   339 N N6    . DA  B 1 5  ? -1.777  -4.686  0.390   1.00 10.00 ? 17 DA  B N6    1 
ATOM   340 N N1    . DA  B 1 5  ? -3.270  -3.765  -1.093  1.00 10.00 ? 17 DA  B N1    1 
ATOM   341 C C2    . DA  B 1 5  ? -3.655  -3.492  -2.328  1.00 10.00 ? 17 DA  B C2    1 
ATOM   342 N N3    . DA  B 1 5  ? -3.066  -3.821  -3.475  1.00 10.00 ? 17 DA  B N3    1 
ATOM   343 C C4    . DA  B 1 5  ? -1.931  -4.516  -3.244  1.00 10.00 ? 17 DA  B C4    1 
ATOM   344 P P     . DA  B 1 6  ? -1.033  -3.070  -9.182  1.00 10.00 ? 18 DA  B P     1 
ATOM   345 O OP1   . DA  B 1 6  ? -2.048  -2.908  -10.250 1.00 10.00 ? 18 DA  B OP1   1 
ATOM   346 O OP2   . DA  B 1 6  ? 0.257   -2.330  -9.429  1.00 10.00 ? 18 DA  B OP2   1 
ATOM   347 O "O5'" . DA  B 1 6  ? -1.637  -2.578  -7.788  1.00 10.00 ? 18 DA  B "O5'" 1 
ATOM   348 C "C5'" . DA  B 1 6  ? -3.013  -2.544  -7.454  1.00 10.00 ? 18 DA  B "C5'" 1 
ATOM   349 C "C4'" . DA  B 1 6  ? -3.432  -1.229  -6.880  1.00 10.00 ? 18 DA  B "C4'" 1 
ATOM   350 O "O4'" . DA  B 1 6  ? -3.144  -1.184  -5.473  1.00 10.00 ? 18 DA  B "O4'" 1 
ATOM   351 C "C3'" . DA  B 1 6  ? -2.807  0.054   -7.448  1.00 10.00 ? 18 DA  B "C3'" 1 
ATOM   352 O "O3'" . DA  B 1 6  ? -3.702  1.158   -7.266  1.00 10.00 ? 18 DA  B "O3'" 1 
ATOM   353 C "C2'" . DA  B 1 6  ? -1.551  0.167   -6.583  1.00 10.00 ? 18 DA  B "C2'" 1 
ATOM   354 C "C1'" . DA  B 1 6  ? -2.097  -0.202  -5.235  1.00 10.00 ? 18 DA  B "C1'" 1 
ATOM   355 N N9    . DA  B 1 6  ? -1.183  -0.855  -4.278  1.00 10.00 ? 18 DA  B N9    1 
ATOM   356 C C8    . DA  B 1 6  ? -0.049  -1.596  -4.468  1.00 10.00 ? 18 DA  B C8    1 
ATOM   357 N N7    . DA  B 1 6  ? 0.486   -2.047  -3.359  1.00 10.00 ? 18 DA  B N7    1 
ATOM   358 C C5    . DA  B 1 6  ? -0.364  -1.597  -2.363  1.00 10.00 ? 18 DA  B C5    1 
ATOM   359 C C6    . DA  B 1 6  ? -0.360  -1.739  -0.969  1.00 10.00 ? 18 DA  B C6    1 
ATOM   360 N N6    . DA  B 1 6  ? 0.559   -2.417  -0.273  1.00 10.00 ? 18 DA  B N6    1 
ATOM   361 N N1    . DA  B 1 6  ? -1.361  -1.140  -0.296  1.00 10.00 ? 18 DA  B N1    1 
ATOM   362 C C2    . DA  B 1 6  ? -2.282  -0.444  -0.936  1.00 10.00 ? 18 DA  B C2    1 
ATOM   363 N N3    . DA  B 1 6  ? -2.396  -0.238  -2.250  1.00 10.00 ? 18 DA  B N3    1 
ATOM   364 C C4    . DA  B 1 6  ? -1.396  -0.852  -2.913  1.00 10.00 ? 18 DA  B C4    1 
ATOM   365 P P     . DT  B 1 7  ? -3.614  2.544   -8.042  1.00 10.00 ? 19 DT  B P     1 
ATOM   366 O OP1   . DT  B 1 7  ? -4.954  2.853   -8.629  1.00 10.00 ? 19 DT  B OP1   1 
ATOM   367 O OP2   . DT  B 1 7  ? -2.453  2.553   -8.957  1.00 10.00 ? 19 DT  B OP2   1 
ATOM   368 O "O5'" . DT  B 1 7  ? -3.354  3.612   -6.842  1.00 10.00 ? 19 DT  B "O5'" 1 
ATOM   369 C "C5'" . DT  B 1 7  ? -4.361  3.645   -5.800  1.00 10.00 ? 19 DT  B "C5'" 1 
ATOM   370 C "C4'" . DT  B 1 7  ? -3.665  3.844   -4.493  1.00 10.00 ? 19 DT  B "C4'" 1 
ATOM   371 O "O4'" . DT  B 1 7  ? -3.070  2.898   -3.645  1.00 10.00 ? 19 DT  B "O4'" 1 
ATOM   372 C "C3'" . DT  B 1 7  ? -3.178  5.241   -4.150  1.00 10.00 ? 19 DT  B "C3'" 1 
ATOM   373 O "O3'" . DT  B 1 7  ? -4.289  6.083   -3.779  1.00 10.00 ? 19 DT  B "O3'" 1 
ATOM   374 C "C2'" . DT  B 1 7  ? -2.144  5.015   -3.089  1.00 10.00 ? 19 DT  B "C2'" 1 
ATOM   375 C "C1'" . DT  B 1 7  ? -2.316  3.591   -2.620  1.00 10.00 ? 19 DT  B "C1'" 1 
ATOM   376 N N1    . DT  B 1 7  ? -1.030  2.901   -2.404  1.00 10.00 ? 19 DT  B N1    1 
ATOM   377 C C2    . DT  B 1 7  ? -0.622  2.651   -1.108  1.00 10.00 ? 19 DT  B C2    1 
ATOM   378 O O2    . DT  B 1 7  ? -1.247  2.957   -0.103  1.00 10.00 ? 19 DT  B O2    1 
ATOM   379 N N3    . DT  B 1 7  ? 0.575   1.998   -1.028  1.00 10.00 ? 19 DT  B N3    1 
ATOM   380 C C4    . DT  B 1 7  ? 1.408   1.589   -2.045  1.00 10.00 ? 19 DT  B C4    1 
ATOM   381 O O4    . DT  B 1 7  ? 2.460   1.013   -1.773  1.00 10.00 ? 19 DT  B O4    1 
ATOM   382 C C5    . DT  B 1 7  ? 0.909   1.902   -3.359  1.00 10.00 ? 19 DT  B C5    1 
ATOM   383 C C7    . DT  B 1 7  ? 1.716   1.528   -4.563  1.00 10.00 ? 19 DT  B C7    1 
ATOM   384 C C6    . DT  B 1 7  ? -0.258  2.529   -3.483  1.00 10.00 ? 19 DT  B C6    1 
ATOM   385 P P     . DT  B 1 8  ? -4.108  7.595   -3.295  1.00 10.00 ? 20 DT  B P     1 
ATOM   386 O OP1   . DT  B 1 8  ? -5.428  8.202   -2.997  1.00 10.00 ? 20 DT  B OP1   1 
ATOM   387 O OP2   . DT  B 1 8  ? -3.238  8.327   -4.249  1.00 10.00 ? 20 DT  B OP2   1 
ATOM   388 O "O5'" . DT  B 1 8  ? -3.335  7.378   -1.900  1.00 10.00 ? 20 DT  B "O5'" 1 
ATOM   389 C "C5'" . DT  B 1 8  ? -3.922  6.470   -0.945  1.00 10.00 ? 20 DT  B "C5'" 1 
ATOM   390 C "C4'" . DT  B 1 8  ? -3.437  6.749   0.437   1.00 10.00 ? 20 DT  B "C4'" 1 
ATOM   391 O "O4'" . DT  B 1 8  ? -2.295  5.953   0.746   1.00 10.00 ? 20 DT  B "O4'" 1 
ATOM   392 C "C3'" . DT  B 1 8  ? -3.050  8.189   0.759   1.00 10.00 ? 20 DT  B "C3'" 1 
ATOM   393 O "O3'" . DT  B 1 8  ? -3.650  8.564   1.999   1.00 10.00 ? 20 DT  B "O3'" 1 
ATOM   394 C "C2'" . DT  B 1 8  ? -1.550  8.178   0.685   1.00 10.00 ? 20 DT  B "C2'" 1 
ATOM   395 C "C1'" . DT  B 1 8  ? -1.174  6.777   1.061   1.00 10.00 ? 20 DT  B "C1'" 1 
ATOM   396 N N1    . DT  B 1 8  ? -0.028  6.152   0.389   1.00 10.00 ? 20 DT  B N1    1 
ATOM   397 C C2    . DT  B 1 8  ? 0.856   5.425   1.163   1.00 10.00 ? 20 DT  B C2    1 
ATOM   398 O O2    . DT  B 1 8  ? 0.796   5.284   2.374   1.00 10.00 ? 20 DT  B O2    1 
ATOM   399 N N3    . DT  B 1 8  ? 1.874   4.854   0.450   1.00 10.00 ? 20 DT  B N3    1 
ATOM   400 C C4    . DT  B 1 8  ? 2.107   4.882   -0.906  1.00 10.00 ? 20 DT  B C4    1 
ATOM   401 O O4    . DT  B 1 8  ? 3.083   4.289   -1.366  1.00 10.00 ? 20 DT  B O4    1 
ATOM   402 C C5    . DT  B 1 8  ? 1.125   5.641   -1.632  1.00 10.00 ? 20 DT  B C5    1 
ATOM   403 C C7    . DT  B 1 8  ? 1.261   5.773   -3.118  1.00 10.00 ? 20 DT  B C7    1 
ATOM   404 C C6    . DT  B 1 8  ? 0.118   6.219   -0.983  1.00 10.00 ? 20 DT  B C6    1 
ATOM   405 P P     . DA  B 1 9  ? -3.204  9.941   2.669   1.00 10.00 ? 21 DA  B P     1 
ATOM   406 O OP1   . DA  B 1 9  ? -4.181  10.290  3.733   1.00 10.00 ? 21 DA  B OP1   1 
ATOM   407 O OP2   . DA  B 1 9  ? -2.963  10.958  1.610   1.00 10.00 ? 21 DA  B OP2   1 
ATOM   408 O "O5'" . DA  B 1 9  ? -1.788  9.555   3.324   1.00 10.00 ? 21 DA  B "O5'" 1 
ATOM   409 C "C5'" . DA  B 1 9  ? -1.741  9.025   4.679   1.00 10.00 ? 21 DA  B "C5'" 1 
ATOM   410 C "C4'" . DA  B 1 9  ? -0.340  9.185   5.207   1.00 10.00 ? 21 DA  B "C4'" 1 
ATOM   411 O "O4'" . DA  B 1 9  ? 0.549   8.400   4.398   1.00 10.00 ? 21 DA  B "O4'" 1 
ATOM   412 C "C3'" . DA  B 1 9  ? 0.230   10.606  5.224   1.00 10.00 ? 21 DA  B "C3'" 1 
ATOM   413 O "O3'" . DA  B 1 9  ? 0.270   11.099  6.578   1.00 10.00 ? 21 DA  B "O3'" 1 
ATOM   414 C "C2'" . DA  B 1 9  ? 1.568   10.484  4.523   1.00 10.00 ? 21 DA  B "C2'" 1 
ATOM   415 C "C1'" . DA  B 1 9  ? 1.872   9.019   4.580   1.00 10.00 ? 21 DA  B "C1'" 1 
ATOM   416 N N9    . DA  B 1 9  ? 2.710   8.404   3.548   1.00 10.00 ? 21 DA  B N9    1 
ATOM   417 C C8    . DA  B 1 9  ? 3.629   7.389   3.705   1.00 10.00 ? 21 DA  B C8    1 
ATOM   418 N N7    . DA  B 1 9  ? 4.187   6.995   2.588   1.00 10.00 ? 21 DA  B N7    1 
ATOM   419 C C5    . DA  B 1 9  ? 3.579   7.782   1.626   1.00 10.00 ? 21 DA  B C5    1 
ATOM   420 C C6    . DA  B 1 9  ? 3.730   7.849   0.227   1.00 10.00 ? 21 DA  B C6    1 
ATOM   421 N N6    . DA  B 1 9  ? 4.575   7.080   -0.463  1.00 10.00 ? 21 DA  B N6    1 
ATOM   422 N N1    . DA  B 1 9  ? 2.976   8.750   -0.434  1.00 10.00 ? 21 DA  B N1    1 
ATOM   423 C C2    . DA  B 1 9  ? 2.117   9.515   0.254   1.00 10.00 ? 21 DA  B C2    1 
ATOM   424 N N3    . DA  B 1 9  ? 1.881   9.531   1.569   1.00 10.00 ? 21 DA  B N3    1 
ATOM   425 C C4    . DA  B 1 9  ? 2.654   8.633   2.195   1.00 10.00 ? 21 DA  B C4    1 
ATOM   426 P P     . DG  B 1 10 ? 0.693   12.582  6.969   1.00 10.00 ? 22 DG  B P     1 
ATOM   427 O OP1   . DG  B 1 10 ? -0.077  13.038  8.158   1.00 10.00 ? 22 DG  B OP1   1 
ATOM   428 O OP2   . DG  B 1 10 ? 0.590   13.464  5.774   1.00 10.00 ? 22 DG  B OP2   1 
ATOM   429 O "O5'" . DG  B 1 10 ? 2.246   12.427  7.399   1.00 10.00 ? 22 DG  B "O5'" 1 
ATOM   430 C "C5'" . DG  B 1 10 ? 2.796   11.226  7.953   1.00 10.00 ? 22 DG  B "C5'" 1 
ATOM   431 C "C4'" . DG  B 1 10 ? 4.285   11.089  7.841   1.00 10.00 ? 22 DG  B "C4'" 1 
ATOM   432 O "O4'" . DG  B 1 10 ? 4.631   10.535  6.540   1.00 10.00 ? 22 DG  B "O4'" 1 
ATOM   433 C "C3'" . DG  B 1 10 ? 5.169   12.320  8.002   1.00 10.00 ? 22 DG  B "C3'" 1 
ATOM   434 O "O3'" . DG  B 1 10 ? 6.480   12.021  8.516   1.00 10.00 ? 22 DG  B "O3'" 1 
ATOM   435 C "C2'" . DG  B 1 10 ? 5.246   12.803  6.547   1.00 10.00 ? 22 DG  B "C2'" 1 
ATOM   436 C "C1'" . DG  B 1 10 ? 5.520   11.459  5.879   1.00 10.00 ? 22 DG  B "C1'" 1 
ATOM   437 N N9    . DG  B 1 10 ? 5.366   11.414  4.430   1.00 10.00 ? 22 DG  B N9    1 
ATOM   438 C C8    . DG  B 1 10 ? 4.536   12.144  3.591   1.00 10.00 ? 22 DG  B C8    1 
ATOM   439 N N7    . DG  B 1 10 ? 4.662   11.854  2.334   1.00 10.00 ? 22 DG  B N7    1 
ATOM   440 C C5    . DG  B 1 10 ? 5.637   10.857  2.316   1.00 10.00 ? 22 DG  B C5    1 
ATOM   441 C C6    . DG  B 1 10 ? 6.198   10.154  1.226   1.00 10.00 ? 22 DG  B C6    1 
ATOM   442 O O6    . DG  B 1 10 ? 5.934   10.285  0.025   1.00 10.00 ? 22 DG  B O6    1 
ATOM   443 N N1    . DG  B 1 10 ? 7.159   9.240   1.637   1.00 10.00 ? 22 DG  B N1    1 
ATOM   444 C C2    . DG  B 1 10 ? 7.546   9.044   2.944   1.00 10.00 ? 22 DG  B C2    1 
ATOM   445 N N2    . DG  B 1 10 ? 8.482   8.125   3.163   1.00 10.00 ? 22 DG  B N2    1 
ATOM   446 N N3    . DG  B 1 10 ? 7.027   9.688   3.975   1.00 10.00 ? 22 DG  B N3    1 
ATOM   447 C C4    . DG  B 1 10 ? 6.081   10.582  3.588   1.00 10.00 ? 22 DG  B C4    1 
ATOM   448 P P     . DC  B 1 11 ? 6.895   12.392  10.019  1.00 10.00 ? 23 DC  B P     1 
ATOM   449 O OP1   . DC  B 1 11 ? 5.971   11.711  10.961  1.00 10.00 ? 23 DC  B OP1   1 
ATOM   450 O OP2   . DC  B 1 11 ? 6.965   13.870  10.133  1.00 10.00 ? 23 DC  B OP2   1 
ATOM   451 O "O5'" . DC  B 1 11 ? 8.361   11.755  10.158  1.00 10.00 ? 23 DC  B "O5'" 1 
ATOM   452 C "C5'" . DC  B 1 11 ? 8.548   10.333  10.070  1.00 10.00 ? 23 DC  B "C5'" 1 
ATOM   453 C "C4'" . DC  B 1 11 ? 9.857   9.959   9.404   1.00 10.00 ? 23 DC  B "C4'" 1 
ATOM   454 O "O4'" . DC  B 1 11 ? 9.597   9.783   8.006   1.00 10.00 ? 23 DC  B "O4'" 1 
ATOM   455 C "C3'" . DC  B 1 11 ? 11.001  10.925  9.538   1.00 10.00 ? 23 DC  B "C3'" 1 
ATOM   456 O "O3'" . DC  B 1 11 ? 12.137  10.432  10.294  1.00 10.00 ? 23 DC  B "O3'" 1 
ATOM   457 C "C2'" . DC  B 1 11 ? 11.371  11.332  8.149   1.00 10.00 ? 23 DC  B "C2'" 1 
ATOM   458 C "C1'" . DC  B 1 11 ? 10.572  10.481  7.219   1.00 10.00 ? 23 DC  B "C1'" 1 
ATOM   459 N N1    . DC  B 1 11 ? 9.914   11.219  6.136   1.00 10.00 ? 23 DC  B N1    1 
ATOM   460 C C2    . DC  B 1 11 ? 10.288  10.940  4.812   1.00 10.00 ? 23 DC  B C2    1 
ATOM   461 O O2    . DC  B 1 11 ? 11.144  10.067  4.626   1.00 10.00 ? 23 DC  B O2    1 
ATOM   462 N N3    . DC  B 1 11 ? 9.703   11.620  3.805   1.00 10.00 ? 23 DC  B N3    1 
ATOM   463 C C4    . DC  B 1 11 ? 8.776   12.538  4.070   1.00 10.00 ? 23 DC  B C4    1 
ATOM   464 N N4    . DC  B 1 11 ? 8.202   13.184  3.054   1.00 10.00 ? 23 DC  B N4    1 
ATOM   465 C C5    . DC  B 1 11 ? 8.383   12.835  5.416   1.00 10.00 ? 23 DC  B C5    1 
ATOM   466 C C6    . DC  B 1 11 ? 8.962   12.164  6.399   1.00 10.00 ? 23 DC  B C6    1 
ATOM   467 P P     . DG  B 1 12 ? 13.303  11.466  10.687  1.00 10.00 ? 24 DG  B P     1 
ATOM   468 O OP1   . DG  B 1 12 ? 13.795  11.198  12.072  1.00 10.00 ? 24 DG  B OP1   1 
ATOM   469 O OP2   . DG  B 1 12 ? 12.864  12.886  10.491  1.00 10.00 ? 24 DG  B OP2   1 
ATOM   470 O "O5'" . DG  B 1 12 ? 14.434  11.142  9.639   1.00 10.00 ? 24 DG  B "O5'" 1 
ATOM   471 C "C5'" . DG  B 1 12 ? 14.680  9.867   9.054   1.00 10.00 ? 24 DG  B "C5'" 1 
ATOM   472 C "C4'" . DG  B 1 12 ? 15.556  10.026  7.842   1.00 10.00 ? 24 DG  B "C4'" 1 
ATOM   473 O "O4'" . DG  B 1 12 ? 14.712  9.910   6.665   1.00 10.00 ? 24 DG  B "O4'" 1 
ATOM   474 C "C3'" . DG  B 1 12 ? 16.345  11.310  7.627   1.00 10.00 ? 24 DG  B "C3'" 1 
ATOM   475 O "O3'" . DG  B 1 12 ? 17.533  11.362  8.422   1.00 10.00 ? 24 DG  B "O3'" 1 
ATOM   476 C "C2'" . DG  B 1 12 ? 16.613  11.237  6.129   1.00 10.00 ? 24 DG  B "C2'" 1 
ATOM   477 C "C1'" . DG  B 1 12 ? 15.258  10.783  5.649   1.00 10.00 ? 24 DG  B "C1'" 1 
ATOM   478 N N9    . DG  B 1 12 ? 14.284  11.880  5.497   1.00 10.00 ? 24 DG  B N9    1 
ATOM   479 C C8    . DG  B 1 12 ? 13.633  12.597  6.475   1.00 10.00 ? 24 DG  B C8    1 
ATOM   480 N N7    . DG  B 1 12 ? 12.807  13.484  5.997   1.00 10.00 ? 24 DG  B N7    1 
ATOM   481 C C5    . DG  B 1 12 ? 12.926  13.354  4.617   1.00 10.00 ? 24 DG  B C5    1 
ATOM   482 C C6    . DG  B 1 12 ? 12.288  14.069  3.574   1.00 10.00 ? 24 DG  B C6    1 
ATOM   483 O O6    . DG  B 1 12 ? 11.463  14.980  3.674   1.00 10.00 ? 24 DG  B O6    1 
ATOM   484 N N1    . DG  B 1 12 ? 12.709  13.641  2.319   1.00 10.00 ? 24 DG  B N1    1 
ATOM   485 C C2    . DG  B 1 12 ? 13.637  12.648  2.098   1.00 10.00 ? 24 DG  B C2    1 
ATOM   486 N N2    . DG  B 1 12 ? 13.925  12.356  0.824   1.00 10.00 ? 24 DG  B N2    1 
ATOM   487 N N3    . DG  B 1 12 ? 14.232  11.972  3.063   1.00 10.00 ? 24 DG  B N3    1 
ATOM   488 C C4    . DG  B 1 12 ? 13.832  12.372  4.291   1.00 10.00 ? 24 DG  B C4    1 
HETATM 489 O O     . HOH C 2 .  ? -0.027  -3.186  9.300   1.00 10.00 ? 25 HOH A O     1 
HETATM 490 O O     . HOH C 2 .  ? -5.377  0.436   -1.975  1.00 10.00 ? 26 HOH A O     1 
HETATM 491 O O     . HOH C 2 .  ? 9.711   9.519   -6.038  1.00 10.00 ? 27 HOH A O     1 
HETATM 492 O O     . HOH C 2 .  ? -11.539 -11.890 -11.240 1.00 10.00 ? 28 HOH A O     1 
HETATM 493 O O     . HOH C 2 .  ? -4.026  -10.518 -13.251 1.00 10.00 ? 30 HOH A O     1 
HETATM 494 O O     . HOH C 2 .  ? -9.765  0.927   -7.428  1.00 10.00 ? 31 HOH A O     1 
HETATM 495 O O     . HOH C 2 .  ? -11.372 -7.087  2.251   1.00 10.00 ? 35 HOH A O     1 
HETATM 496 O O     . HOH C 2 .  ? 7.636   13.075  -1.297  1.00 10.00 ? 36 HOH A O     1 
HETATM 497 O O     . HOH C 2 .  ? 8.750   -1.041  -1.432  1.00 10.00 ? 37 HOH A O     1 
HETATM 498 O O     . HOH C 2 .  ? -10.337 5.526   -0.537  1.00 10.00 ? 39 HOH A O     1 
HETATM 499 O O     . HOH C 2 .  ? -14.841 -10.603 -6.545  1.00 10.00 ? 41 HOH A O     1 
HETATM 500 O O     . HOH C 2 .  ? -9.530  -12.863 -14.676 1.00 10.00 ? 42 HOH A O     1 
HETATM 501 O O     . HOH C 2 .  ? -6.282  -6.014  -6.645  1.00 10.00 ? 44 HOH A O     1 
HETATM 502 O O     . HOH C 2 .  ? 14.698  -0.979  8.498   1.00 10.00 ? 45 HOH A O     1 
HETATM 503 O O     . HOH C 2 .  ? -14.284 4.245   -5.895  1.00 10.00 ? 47 HOH A O     1 
HETATM 504 O O     . HOH C 2 .  ? 4.211   -2.898  2.837   1.00 10.00 ? 48 HOH A O     1 
HETATM 505 O O     . HOH C 2 .  ? 8.022   12.395  -4.435  1.00 10.00 ? 49 HOH A O     1 
HETATM 506 O O     . HOH C 2 .  ? 5.371   13.649  -2.425  1.00 10.00 ? 50 HOH A O     1 
HETATM 507 O O     . HOH C 2 .  ? 7.108   -2.791  3.752   1.00 10.00 ? 51 HOH A O     1 
HETATM 508 O O     . HOH C 2 .  ? -8.663  -18.121 -12.874 1.00 10.00 ? 52 HOH A O     1 
HETATM 509 O O     . HOH C 2 .  ? 9.004   1.620   -11.681 1.00 10.00 ? 54 HOH A O     1 
HETATM 510 O O     . HOH C 2 .  ? 8.683   3.752   -9.656  1.00 10.00 ? 56 HOH A O     1 
HETATM 511 O O     . HOH C 2 .  ? -7.850  5.716   7.893   1.00 10.00 ? 57 HOH A O     1 
HETATM 512 O O     . HOH C 2 .  ? -2.157  -5.960  4.641   1.00 10.00 ? 59 HOH A O     1 
HETATM 513 O O     . HOH C 2 .  ? 9.391   3.155   -3.411  1.00 10.00 ? 60 HOH A O     1 
HETATM 514 O O     . HOH C 2 .  ? -8.155  -1.023  5.564   1.00 10.00 ? 61 HOH A O     1 
HETATM 515 O O     . HOH C 2 .  ? 12.503  15.137  -10.722 1.00 10.00 ? 62 HOH A O     1 
HETATM 516 O O     . HOH C 2 .  ? -14.457 -6.647  -7.544  1.00 10.00 ? 63 HOH A O     1 
HETATM 517 O O     . HOH C 2 .  ? 10.334  -3.146  2.635   1.00 10.00 ? 64 HOH A O     1 
HETATM 518 O O     . HOH C 2 .  ? -12.235 3.548   -4.336  1.00 10.00 ? 66 HOH A O     1 
HETATM 519 O O     . HOH C 2 .  ? -5.298  -6.537  -10.163 1.00 10.00 ? 70 HOH A O     1 
HETATM 520 O O     . HOH C 2 .  ? 17.302  4.843   -6.663  1.00 10.00 ? 72 HOH A O     1 
HETATM 521 O O     . HOH C 2 .  ? 10.065  4.745   -6.617  1.00 10.00 ? 74 HOH A O     1 
HETATM 522 O O     . HOH C 2 .  ? -14.851 -3.703  -10.232 1.00 10.00 ? 77 HOH A O     1 
HETATM 523 O O     . HOH C 2 .  ? -15.181 1.885   -6.769  1.00 10.00 ? 78 HOH A O     1 
HETATM 524 O O     . HOH C 2 .  ? -1.812  -1.633  8.009   1.00 10.00 ? 80 HOH A O     1 
HETATM 525 O O     . HOH C 2 .  ? 0.252   -5.807  2.443   1.00 10.00 ? 83 HOH A O     1 
HETATM 526 O O     . HOH C 2 .  ? 12.141  -3.645  0.560   1.00 10.00 ? 84 HOH A O     1 
HETATM 527 O O     . HOH C 2 .  ? 6.702   15.493  -0.700  1.00 10.00 ? 86 HOH A O     1 
HETATM 528 O O     . HOH D 2 .  ? -0.403  10.840  10.117  1.00 10.00 ? 29 HOH B O     1 
HETATM 529 O O     . HOH D 2 .  ? -2.587  -20.957 4.218   1.00 10.00 ? 32 HOH B O     1 
HETATM 530 O O     . HOH D 2 .  ? -3.011  -18.643 2.673   1.00 10.00 ? 33 HOH B O     1 
HETATM 531 O O     . HOH D 2 .  ? -1.433  9.524   -1.990  1.00 10.00 ? 34 HOH B O     1 
HETATM 532 O O     . HOH D 2 .  ? -4.833  3.604   -0.002  1.00 10.00 ? 38 HOH B O     1 
HETATM 533 O O     . HOH D 2 .  ? 4.409   9.698   12.783  1.00 10.00 ? 40 HOH B O     1 
HETATM 534 O O     . HOH D 2 .  ? 0.162   1.646   -9.970  1.00 10.00 ? 43 HOH B O     1 
HETATM 535 O O     . HOH D 2 .  ? 2.186   -15.583 -2.893  1.00 10.00 ? 46 HOH B O     1 
HETATM 536 O O     . HOH D 2 .  ? -11.437 -18.736 6.558   1.00 10.00 ? 53 HOH B O     1 
HETATM 537 O O     . HOH D 2 .  ? -5.775  10.896  -4.577  1.00 10.00 ? 55 HOH B O     1 
HETATM 538 O O     . HOH D 2 .  ? -2.701  5.484   -10.634 1.00 10.00 ? 58 HOH B O     1 
HETATM 539 O O     . HOH D 2 .  ? -1.797  -17.074 7.163   1.00 10.00 ? 65 HOH B O     1 
HETATM 540 O O     . HOH D 2 .  ? 13.734  12.138  16.628  1.00 10.00 ? 67 HOH B O     1 
HETATM 541 O O     . HOH D 2 .  ? 12.108  14.678  8.703   1.00 10.00 ? 68 HOH B O     1 
HETATM 542 O O     . HOH D 2 .  ? -4.238  12.823  -0.868  1.00 10.00 ? 69 HOH B O     1 
HETATM 543 O O     . HOH D 2 .  ? -10.276 -20.367 9.261   1.00 10.00 ? 71 HOH B O     1 
HETATM 544 O O     . HOH D 2 .  ? 11.270  15.724  6.327   1.00 10.00 ? 73 HOH B O     1 
HETATM 545 O O     . HOH D 2 .  ? 0.126   -3.460  -11.922 1.00 10.00 ? 75 HOH B O     1 
HETATM 546 O O     . HOH D 2 .  ? -3.272  11.333  -5.911  1.00 10.00 ? 76 HOH B O     1 
HETATM 547 O O     . HOH D 2 .  ? 2.152   -6.919  -2.100  1.00 10.00 ? 79 HOH B O     1 
HETATM 548 O O     . HOH D 2 .  ? -0.142  11.496  2.412   1.00 10.00 ? 81 HOH B O     1 
HETATM 549 O O     . HOH D 2 .  ? 2.454   -2.317  -12.448 1.00 10.00 ? 82 HOH B O     1 
HETATM 550 O O     . HOH D 2 .  ? -14.525 -18.137 5.528   1.00 10.00 ? 85 HOH B O     1 
HETATM 551 O O     . HOH D 2 .  ? -5.844  -2.715  -5.597  1.00 10.00 ? 87 HOH B O     1 
HETATM 552 O O     . HOH D 2 .  ? -7.766  -19.567 8.615   1.00 10.00 ? 88 HOH B O     1 
# 
